data_6BA0
#
_entry.id   6BA0
#
_cell.length_a   83.070
_cell.length_b   79.360
_cell.length_c   115.990
_cell.angle_alpha   90.000
_cell.angle_beta   99.620
_cell.angle_gamma   90.000
#
_symmetry.space_group_name_H-M   'P 1 21 1'
#
loop_
_entity.id
_entity.type
_entity.pdbx_description
1 polymer 'Cytidine/uridine-specific hydrolase'
2 non-polymer 'CALCIUM ION'
3 non-polymer 'CHLORIDE ION'
4 water water
#
_entity_poly.entity_id   1
_entity_poly.type   'polypeptide(L)'
_entity_poly.pdbx_seq_one_letter_code
;GSHMTTIILDCDPGHDDAMAILLALGNPNIDLLGVTTVGGNQSLEKVTYNARATLEMAHATNIPVHAGCDRPMIRPLEVA
AAVHGETGLDGVTLPEPTRPLDEGHAVNWIIDTIMSHEPGTITLVPTGPLTNIAMAVRLEPRIVSRVKEVVLMGGGYHVG
NWSAVAEFNIKVDPEAAHVVFNEDWPITMVGLDLTHQALCTPEVQARIDAIGTPLSAFASGLMDFFRKAYKNNQDFIDPP
VHDPCTVAYLIDHSVVQTRRCPVDVEIKGDLTLGMTVADLRGPEPSADKCHTQVATKLDFNKFWDLIIDALKELK
;
_entity_poly.pdbx_strand_id   A,B,C,D
#
loop_
_chem_comp.id
_chem_comp.type
_chem_comp.name
_chem_comp.formula
CA non-polymer 'CALCIUM ION' 'Ca 2'
CL non-polymer 'CHLORIDE ION' 'Cl -1'
#
# COMPACT_ATOMS: atom_id res chain seq x y z
N MET A 4 -6.40 -17.39 40.77
CA MET A 4 -6.41 -15.88 40.84
C MET A 4 -5.98 -15.21 39.51
N THR A 5 -6.11 -13.89 39.41
CA THR A 5 -5.58 -13.26 38.20
C THR A 5 -4.07 -13.03 38.20
N THR A 6 -3.41 -13.85 37.39
CA THR A 6 -1.96 -13.93 37.34
C THR A 6 -1.50 -13.28 36.05
N ILE A 7 -0.71 -12.22 36.17
CA ILE A 7 -0.33 -11.43 34.98
C ILE A 7 1.17 -11.27 34.71
N ILE A 8 1.47 -11.03 33.44
CA ILE A 8 2.75 -10.49 33.02
C ILE A 8 2.44 -9.13 32.46
N LEU A 9 3.11 -8.11 32.99
CA LEU A 9 2.86 -6.74 32.59
C LEU A 9 4.01 -6.33 31.64
N ASP A 10 3.69 -6.18 30.36
CA ASP A 10 4.65 -5.83 29.34
C ASP A 10 4.43 -4.37 29.01
N CYS A 11 5.44 -3.54 29.28
CA CYS A 11 5.23 -2.12 29.40
C CYS A 11 6.48 -1.29 29.03
N ASP A 12 6.30 0.02 29.01
CA ASP A 12 7.36 0.95 28.65
C ASP A 12 7.26 2.23 29.48
N PRO A 13 7.53 2.12 30.80
CA PRO A 13 7.29 3.27 31.65
C PRO A 13 8.16 4.50 31.36
N GLY A 14 7.57 5.66 31.07
CA GLY A 14 6.14 5.90 30.91
C GLY A 14 5.45 6.14 32.25
N HIS A 15 4.92 7.34 32.43
CA HIS A 15 4.22 7.68 33.66
C HIS A 15 2.89 6.91 33.79
N ASP A 16 2.21 6.63 32.68
CA ASP A 16 0.99 5.81 32.67
C ASP A 16 1.28 4.39 33.14
N ASP A 17 2.34 3.80 32.62
CA ASP A 17 2.72 2.43 33.00
C ASP A 17 3.07 2.37 34.48
N ALA A 18 3.74 3.41 34.99
CA ALA A 18 4.05 3.45 36.40
C ALA A 18 2.79 3.36 37.25
N MET A 19 1.72 4.06 36.82
CA MET A 19 0.44 3.97 37.55
C MET A 19 -0.13 2.55 37.48
N ALA A 20 0.00 1.89 36.32
CA ALA A 20 -0.44 0.50 36.18
C ALA A 20 0.33 -0.46 37.09
N ILE A 21 1.63 -0.23 37.22
CA ILE A 21 2.46 -1.04 38.13
C ILE A 21 1.95 -0.90 39.56
N LEU A 22 1.66 0.34 39.99
CA LEU A 22 1.18 0.56 41.36
C LEU A 22 -0.16 -0.12 41.61
N LEU A 23 -1.08 -0.04 40.64
CA LEU A 23 -2.37 -0.72 40.77
C LEU A 23 -2.22 -2.23 40.86
N ALA A 24 -1.41 -2.81 39.96
CA ALA A 24 -1.17 -4.26 39.98
C ALA A 24 -0.59 -4.72 41.34
N LEU A 25 0.39 -3.97 41.87
CA LEU A 25 1.02 -4.34 43.15
C LEU A 25 0.08 -4.16 44.34
N GLY A 26 -0.71 -3.07 44.32
CA GLY A 26 -1.56 -2.72 45.46
C GLY A 26 -2.87 -3.47 45.60
N ASN A 27 -3.34 -4.07 44.51
CA ASN A 27 -4.59 -4.84 44.55
C ASN A 27 -4.30 -6.31 44.84
N PRO A 28 -4.93 -6.88 45.88
CA PRO A 28 -4.59 -8.27 46.27
C PRO A 28 -5.14 -9.35 45.33
N ASN A 29 -6.01 -8.98 44.38
CA ASN A 29 -6.53 -9.95 43.43
C ASN A 29 -5.62 -10.13 42.22
N ILE A 30 -4.51 -9.38 42.17
CA ILE A 30 -3.56 -9.48 41.08
C ILE A 30 -2.28 -10.10 41.60
N ASP A 31 -1.82 -11.14 40.90
CA ASP A 31 -0.52 -11.76 41.13
C ASP A 31 0.36 -11.36 39.94
N LEU A 32 1.25 -10.41 40.18
CA LEU A 32 2.16 -9.90 39.18
C LEU A 32 3.34 -10.85 39.13
N LEU A 33 3.39 -11.69 38.08
CA LEU A 33 4.49 -12.64 37.90
C LEU A 33 5.79 -11.94 37.55
N GLY A 34 5.70 -10.85 36.81
CA GLY A 34 6.90 -10.13 36.42
C GLY A 34 6.57 -9.07 35.39
N VAL A 35 7.55 -8.21 35.19
CA VAL A 35 7.49 -7.08 34.30
C VAL A 35 8.48 -7.28 33.15
N THR A 36 8.04 -6.97 31.94
CA THR A 36 8.86 -7.05 30.76
C THR A 36 8.75 -5.71 30.09
N THR A 37 9.83 -5.27 29.43
CA THR A 37 9.87 -3.95 28.83
C THR A 37 10.16 -3.97 27.34
N VAL A 38 9.67 -2.93 26.67
CA VAL A 38 9.72 -2.83 25.22
C VAL A 38 10.05 -1.40 24.81
N GLY A 39 11.02 -1.26 23.90
CA GLY A 39 11.41 0.04 23.33
C GLY A 39 10.63 0.29 22.05
N GLY A 40 10.50 1.55 21.66
CA GLY A 40 9.87 1.88 20.37
C GLY A 40 9.12 3.17 20.44
N ASN A 41 8.43 3.35 21.56
CA ASN A 41 7.78 4.60 21.88
C ASN A 41 8.82 5.51 22.53
N GLN A 42 9.59 4.95 23.46
CA GLN A 42 10.81 5.52 24.02
C GLN A 42 11.89 4.44 24.02
N SER A 43 13.11 4.80 24.37
CA SER A 43 14.23 3.86 24.29
C SER A 43 14.09 2.75 25.33
N LEU A 44 14.43 1.52 24.94
CA LEU A 44 14.45 0.38 25.86
C LEU A 44 15.22 0.67 27.16
N GLU A 45 16.39 1.30 27.02
CA GLU A 45 17.23 1.58 28.19
C GLU A 45 16.52 2.49 29.18
N LYS A 46 15.90 3.57 28.69
CA LYS A 46 15.16 4.50 29.56
C LYS A 46 13.98 3.80 30.30
N VAL A 47 13.12 3.11 29.55
CA VAL A 47 11.91 2.53 30.14
C VAL A 47 12.22 1.32 31.06
N THR A 48 13.31 0.60 30.79
CA THR A 48 13.70 -0.53 31.62
C THR A 48 14.17 0.00 32.99
N TYR A 49 15.02 1.03 32.97
CA TYR A 49 15.42 1.70 34.21
C TYR A 49 14.20 2.21 34.97
N ASN A 50 13.29 2.89 34.28
CA ASN A 50 12.10 3.45 34.91
C ASN A 50 11.21 2.38 35.56
N ALA A 51 11.07 1.22 34.90
CA ALA A 51 10.31 0.10 35.46
C ALA A 51 10.93 -0.43 36.75
N ARG A 52 12.24 -0.60 36.73
CA ARG A 52 12.98 -1.09 37.92
C ARG A 52 12.94 -0.08 39.05
N ALA A 53 13.10 1.19 38.74
CA ALA A 53 13.07 2.25 39.77
C ALA A 53 11.67 2.44 40.37
N THR A 54 10.62 2.25 39.55
CA THR A 54 9.26 2.31 40.04
C THR A 54 8.99 1.17 41.02
N LEU A 55 9.39 -0.04 40.62
CA LEU A 55 9.27 -1.20 41.49
C LEU A 55 10.07 -1.00 42.79
N GLU A 56 11.26 -0.43 42.70
CA GLU A 56 12.06 -0.11 43.89
C GLU A 56 11.30 0.83 44.81
N MET A 57 10.71 1.90 44.25
CA MET A 57 9.87 2.85 45.02
C MET A 57 8.75 2.15 45.79
N ALA A 58 8.18 1.12 45.20
CA ALA A 58 7.11 0.35 45.85
C ALA A 58 7.62 -0.85 46.70
N HIS A 59 8.91 -0.92 46.97
CA HIS A 59 9.52 -2.05 47.69
C HIS A 59 9.19 -3.43 47.08
N ALA A 60 9.08 -3.47 45.76
CA ALA A 60 8.71 -4.67 45.03
C ALA A 60 9.88 -5.13 44.18
N THR A 61 11.09 -5.11 44.75
CA THR A 61 12.31 -5.56 44.01
C THR A 61 12.41 -7.09 43.86
N ASN A 62 11.55 -7.81 44.55
CA ASN A 62 11.35 -9.25 44.35
C ASN A 62 10.52 -9.65 43.11
N ILE A 63 9.93 -8.68 42.41
CA ILE A 63 9.28 -8.87 41.11
C ILE A 63 10.33 -8.78 39.99
N PRO A 64 10.47 -9.86 39.18
CA PRO A 64 11.44 -9.82 38.08
C PRO A 64 11.14 -8.77 37.03
N VAL A 65 12.20 -8.22 36.45
CA VAL A 65 12.13 -7.36 35.29
C VAL A 65 13.07 -7.95 34.24
N HIS A 66 12.53 -8.13 33.03
CA HIS A 66 13.35 -8.54 31.89
C HIS A 66 13.16 -7.53 30.75
N ALA A 67 14.26 -7.11 30.15
CA ALA A 67 14.25 -6.21 29.02
C ALA A 67 13.99 -7.01 27.75
N GLY A 68 13.14 -6.45 26.89
CA GLY A 68 12.79 -7.10 25.64
C GLY A 68 13.34 -6.40 24.41
N CYS A 69 12.50 -6.34 23.36
CA CYS A 69 12.88 -5.76 22.06
C CYS A 69 13.08 -4.25 22.16
N ASP A 70 14.05 -3.75 21.41
CA ASP A 70 14.43 -2.32 21.47
C ASP A 70 13.92 -1.52 20.28
N ARG A 71 13.22 -2.19 19.35
CA ARG A 71 12.72 -1.53 18.14
C ARG A 71 11.58 -2.33 17.55
N PRO A 72 10.80 -1.72 16.63
CA PRO A 72 9.72 -2.47 15.99
C PRO A 72 10.19 -3.67 15.16
N MET A 73 9.29 -4.62 14.91
CA MET A 73 9.61 -5.79 14.07
C MET A 73 10.14 -5.40 12.72
N ILE A 74 9.43 -4.53 12.02
CA ILE A 74 9.74 -4.16 10.65
C ILE A 74 10.12 -2.70 10.44
N ARG A 75 9.33 -1.78 10.98
CA ARG A 75 9.59 -0.38 10.66
C ARG A 75 10.68 0.20 11.52
N PRO A 76 11.29 1.33 11.08
CA PRO A 76 12.48 1.78 11.79
C PRO A 76 12.15 2.39 13.13
N LEU A 77 13.15 2.34 14.01
CA LEU A 77 13.07 2.92 15.33
C LEU A 77 13.02 4.44 15.22
N GLU A 78 12.02 5.03 15.87
CA GLU A 78 11.81 6.49 15.91
C GLU A 78 11.62 6.99 17.36
N VAL A 79 12.71 7.03 18.11
CA VAL A 79 12.71 7.56 19.49
C VAL A 79 13.65 8.76 19.56
N ALA A 80 13.34 9.74 20.41
CA ALA A 80 14.20 10.93 20.59
C ALA A 80 15.57 10.54 21.17
N ALA A 81 16.60 11.34 20.89
CA ALA A 81 17.97 11.06 21.36
C ALA A 81 18.01 11.16 22.88
N ALA A 82 18.79 10.29 23.52
CA ALA A 82 19.02 10.31 24.98
C ALA A 82 19.68 11.63 25.41
N VAL A 83 19.34 12.08 26.62
CA VAL A 83 19.70 13.41 27.14
C VAL A 83 20.61 13.22 28.37
N HIS A 84 21.77 13.88 28.36
CA HIS A 84 22.69 13.79 29.51
C HIS A 84 22.09 14.61 30.64
N GLY A 85 21.84 13.95 31.78
CA GLY A 85 21.10 14.56 32.90
C GLY A 85 19.63 14.19 32.97
N GLU A 86 19.25 13.14 32.24
CA GLU A 86 17.94 12.55 32.38
C GLU A 86 18.07 11.08 32.74
N THR A 87 17.53 10.74 33.90
CA THR A 87 17.26 9.39 34.31
C THR A 87 15.94 9.43 35.03
N GLY A 88 15.22 8.34 34.96
CA GLY A 88 13.99 8.24 35.70
C GLY A 88 12.84 8.89 34.92
N LEU A 89 11.77 9.12 35.67
CA LEU A 89 10.54 9.66 35.13
C LEU A 89 10.54 11.14 35.45
N ASP A 90 10.24 11.92 34.40
CA ASP A 90 10.20 13.37 34.46
C ASP A 90 9.25 13.84 35.59
N GLY A 91 9.69 14.82 36.37
CA GLY A 91 8.82 15.47 37.37
C GLY A 91 8.79 14.80 38.75
N VAL A 92 9.36 13.60 38.87
CA VAL A 92 9.44 12.89 40.16
C VAL A 92 10.83 12.32 40.37
N THR A 93 11.09 11.86 41.59
CA THR A 93 12.35 11.23 41.95
C THR A 93 12.07 9.81 42.43
N LEU A 94 12.88 8.86 41.99
CA LEU A 94 12.71 7.46 42.31
C LEU A 94 14.05 6.99 42.85
N PRO A 95 14.06 6.11 43.88
CA PRO A 95 15.30 5.53 44.34
C PRO A 95 15.97 4.66 43.27
N GLU A 96 17.29 4.58 43.33
CA GLU A 96 18.06 3.78 42.38
C GLU A 96 17.71 2.30 42.65
N PRO A 97 17.53 1.50 41.59
CA PRO A 97 17.17 0.11 41.83
C PRO A 97 18.29 -0.65 42.56
N THR A 98 17.92 -1.46 43.56
CA THR A 98 18.91 -2.16 44.33
C THR A 98 19.27 -3.55 43.68
N ARG A 99 18.30 -4.14 43.01
CA ARG A 99 18.54 -5.38 42.28
C ARG A 99 18.95 -5.08 40.87
N PRO A 100 20.07 -5.64 40.39
CA PRO A 100 20.33 -5.59 38.93
C PRO A 100 19.22 -6.25 38.08
N LEU A 101 19.05 -5.74 36.86
CA LEU A 101 18.10 -6.26 35.89
C LEU A 101 18.27 -7.76 35.77
N ASP A 102 17.17 -8.50 35.81
CA ASP A 102 17.24 -9.98 35.64
C ASP A 102 17.72 -10.36 34.24
N GLU A 103 18.48 -11.43 34.16
CA GLU A 103 19.16 -11.78 32.91
C GLU A 103 18.20 -12.52 31.99
N GLY A 104 18.39 -12.32 30.69
CA GLY A 104 17.63 -13.04 29.68
C GLY A 104 16.65 -12.10 29.00
N HIS A 105 16.37 -12.38 27.73
CA HIS A 105 15.44 -11.58 26.95
C HIS A 105 14.01 -11.80 27.41
N ALA A 106 13.25 -10.72 27.49
CA ALA A 106 11.84 -10.79 27.89
C ALA A 106 11.05 -11.77 27.07
N VAL A 107 11.29 -11.82 25.77
CA VAL A 107 10.55 -12.73 24.87
C VAL A 107 10.76 -14.18 25.31
N ASN A 108 12.00 -14.56 25.56
CA ASN A 108 12.28 -15.92 26.05
C ASN A 108 11.68 -16.17 27.47
N TRP A 109 11.74 -15.16 28.33
CA TRP A 109 11.15 -15.27 29.66
C TRP A 109 9.62 -15.43 29.59
N ILE A 110 8.97 -14.63 28.75
CA ILE A 110 7.52 -14.76 28.56
C ILE A 110 7.19 -16.18 28.11
N ILE A 111 7.94 -16.69 27.13
CA ILE A 111 7.74 -18.04 26.60
C ILE A 111 7.96 -19.09 27.70
N ASP A 112 9.09 -19.03 28.38
CA ASP A 112 9.40 -20.07 29.40
C ASP A 112 8.36 -20.08 30.51
N THR A 113 7.93 -18.88 30.93
CA THR A 113 6.92 -18.72 31.94
C THR A 113 5.56 -19.32 31.55
N ILE A 114 5.09 -19.02 30.34
CA ILE A 114 3.82 -19.55 29.87
C ILE A 114 3.88 -21.07 29.67
N MET A 115 5.00 -21.58 29.17
CA MET A 115 5.16 -23.02 28.94
C MET A 115 5.32 -23.81 30.26
N SER A 116 5.85 -23.20 31.30
CA SER A 116 6.05 -23.89 32.59
C SER A 116 4.86 -23.79 33.55
N HIS A 117 3.92 -22.87 33.31
CA HIS A 117 2.75 -22.74 34.17
C HIS A 117 1.60 -23.48 33.55
N GLU A 118 0.57 -23.79 34.34
CA GLU A 118 -0.59 -24.54 33.85
C GLU A 118 -1.30 -23.75 32.76
N PRO A 119 -1.84 -24.44 31.74
CA PRO A 119 -2.55 -23.71 30.68
C PRO A 119 -3.78 -22.99 31.21
N GLY A 120 -4.15 -21.89 30.57
CA GLY A 120 -5.29 -21.10 30.98
C GLY A 120 -5.15 -20.26 32.24
N THR A 121 -3.93 -20.06 32.74
CA THR A 121 -3.74 -19.33 34.01
C THR A 121 -3.10 -17.94 33.89
N ILE A 122 -2.30 -17.69 32.85
CA ILE A 122 -1.59 -16.43 32.72
C ILE A 122 -2.30 -15.46 31.76
N THR A 123 -2.46 -14.22 32.21
CA THR A 123 -3.04 -13.15 31.43
C THR A 123 -1.90 -12.19 31.05
N LEU A 124 -1.75 -11.93 29.75
CA LEU A 124 -0.77 -10.97 29.26
C LEU A 124 -1.38 -9.58 29.27
N VAL A 125 -0.65 -8.61 29.79
CA VAL A 125 -1.13 -7.24 29.89
C VAL A 125 -0.10 -6.31 29.24
N PRO A 126 -0.25 -6.10 27.91
CA PRO A 126 0.67 -5.19 27.20
C PRO A 126 0.17 -3.76 27.28
N THR A 127 1.05 -2.84 27.67
CA THR A 127 0.71 -1.43 27.74
C THR A 127 1.67 -0.54 26.96
N GLY A 128 2.47 -1.16 26.09
CA GLY A 128 3.37 -0.47 25.18
C GLY A 128 3.11 -1.01 23.78
N PRO A 129 4.03 -0.74 22.83
CA PRO A 129 3.94 -1.40 21.52
C PRO A 129 3.96 -2.91 21.71
N LEU A 130 3.42 -3.61 20.73
CA LEU A 130 3.14 -5.04 20.88
C LEU A 130 4.28 -5.97 20.44
N THR A 131 5.47 -5.39 20.22
CA THR A 131 6.63 -6.09 19.68
C THR A 131 7.04 -7.39 20.42
N ASN A 132 7.13 -7.33 21.75
CA ASN A 132 7.51 -8.53 22.53
C ASN A 132 6.47 -9.62 22.41
N ILE A 133 5.20 -9.21 22.36
CA ILE A 133 4.12 -10.18 22.33
C ILE A 133 4.12 -10.91 20.98
N ALA A 134 4.17 -10.14 19.89
CA ALA A 134 4.27 -10.69 18.55
C ALA A 134 5.50 -11.60 18.36
N MET A 135 6.65 -11.17 18.85
CA MET A 135 7.87 -11.96 18.78
C MET A 135 7.75 -13.30 19.53
N ALA A 136 7.14 -13.27 20.71
CA ALA A 136 6.92 -14.47 21.52
C ALA A 136 6.03 -15.48 20.80
N VAL A 137 4.95 -14.97 20.25
CA VAL A 137 4.02 -15.76 19.47
C VAL A 137 4.69 -16.47 18.30
N ARG A 138 5.54 -15.76 17.57
CA ARG A 138 6.20 -16.36 16.40
C ARG A 138 7.31 -17.33 16.81
N LEU A 139 8.01 -17.03 17.90
CA LEU A 139 9.09 -17.91 18.38
C LEU A 139 8.53 -19.19 19.03
N GLU A 140 7.36 -19.10 19.67
CA GLU A 140 6.71 -20.26 20.27
C GLU A 140 5.20 -20.21 20.07
N PRO A 141 4.72 -20.75 18.93
CA PRO A 141 3.28 -20.73 18.68
C PRO A 141 2.42 -21.44 19.71
N ARG A 142 3.00 -22.34 20.50
CA ARG A 142 2.25 -23.04 21.53
C ARG A 142 1.82 -22.15 22.69
N ILE A 143 2.35 -20.94 22.83
CA ILE A 143 1.87 -20.05 23.91
C ILE A 143 0.44 -19.57 23.72
N VAL A 144 -0.01 -19.48 22.48
CA VAL A 144 -1.27 -18.82 22.17
C VAL A 144 -2.48 -19.47 22.83
N SER A 145 -2.63 -20.78 22.68
CA SER A 145 -3.77 -21.49 23.29
C SER A 145 -3.61 -21.61 24.80
N ARG A 146 -2.38 -21.46 25.31
CA ARG A 146 -2.13 -21.53 26.76
C ARG A 146 -2.46 -20.26 27.54
N VAL A 147 -2.47 -19.11 26.87
CA VAL A 147 -2.73 -17.83 27.50
C VAL A 147 -4.20 -17.72 27.79
N LYS A 148 -4.53 -17.23 28.97
CA LYS A 148 -5.93 -17.05 29.38
C LYS A 148 -6.59 -15.93 28.58
N GLU A 149 -5.92 -14.78 28.49
CA GLU A 149 -6.46 -13.57 27.89
C GLU A 149 -5.31 -12.58 27.65
N VAL A 150 -5.48 -11.71 26.66
CA VAL A 150 -4.60 -10.58 26.47
C VAL A 150 -5.43 -9.34 26.70
N VAL A 151 -5.01 -8.48 27.62
CA VAL A 151 -5.69 -7.21 27.89
C VAL A 151 -4.67 -6.10 27.65
N LEU A 152 -4.81 -5.41 26.53
CA LEU A 152 -3.79 -4.47 26.10
C LEU A 152 -4.32 -3.05 26.10
N MET A 153 -3.44 -2.08 26.41
CA MET A 153 -3.75 -0.65 26.26
C MET A 153 -3.21 -0.25 24.91
N GLY A 154 -4.13 0.12 24.03
CA GLY A 154 -3.79 0.45 22.69
C GLY A 154 -5.05 0.57 21.86
N GLY A 155 -4.89 1.28 20.76
CA GLY A 155 -5.94 1.41 19.77
C GLY A 155 -7.03 2.39 20.09
N GLY A 156 -8.08 2.29 19.30
CA GLY A 156 -9.24 3.13 19.44
C GLY A 156 -10.14 2.85 18.26
N TYR A 157 -11.41 2.56 18.54
CA TYR A 157 -12.36 2.24 17.48
C TYR A 157 -12.93 3.48 16.81
N HIS A 158 -13.23 4.52 17.58
CA HIS A 158 -13.72 5.82 17.02
C HIS A 158 -12.85 7.05 17.38
N VAL A 159 -11.66 6.81 17.96
CA VAL A 159 -10.81 7.87 18.46
C VAL A 159 -9.35 7.54 18.12
N GLY A 160 -8.62 8.54 17.61
CA GLY A 160 -7.17 8.46 17.45
C GLY A 160 -6.49 9.56 18.28
N ASN A 161 -5.19 9.43 18.54
CA ASN A 161 -4.41 10.56 19.11
C ASN A 161 -3.22 10.91 18.21
N TRP A 162 -2.35 9.95 17.92
CA TRP A 162 -1.25 10.17 16.98
C TRP A 162 -1.73 10.65 15.62
N SER A 163 -2.83 10.06 15.12
CA SER A 163 -3.50 10.53 13.90
C SER A 163 -4.98 10.65 14.22
N ALA A 164 -5.76 11.07 13.22
CA ALA A 164 -7.20 11.11 13.31
C ALA A 164 -7.83 9.77 13.71
N VAL A 165 -7.21 8.67 13.29
CA VAL A 165 -7.78 7.34 13.51
C VAL A 165 -6.91 6.34 14.27
N ALA A 166 -5.63 6.65 14.51
CA ALA A 166 -4.73 5.68 15.11
C ALA A 166 -4.12 6.17 16.42
N GLU A 167 -3.73 5.20 17.24
CA GLU A 167 -3.17 5.42 18.57
C GLU A 167 -1.68 5.00 18.61
N PHE A 168 -0.93 5.62 19.52
CA PHE A 168 0.54 5.51 19.55
C PHE A 168 1.09 4.10 19.67
N ASN A 169 0.65 3.33 20.66
CA ASN A 169 1.16 1.96 20.88
C ASN A 169 1.01 1.07 19.65
N ILE A 170 -0.13 1.18 18.98
CA ILE A 170 -0.37 0.38 17.77
C ILE A 170 0.50 0.90 16.63
N LYS A 171 0.53 2.21 16.42
CA LYS A 171 1.24 2.78 15.26
C LYS A 171 2.75 2.59 15.33
N VAL A 172 3.32 2.55 16.53
CA VAL A 172 4.77 2.32 16.68
C VAL A 172 5.19 1.01 16.02
N ASP A 173 4.35 -0.03 16.16
CA ASP A 173 4.63 -1.32 15.54
C ASP A 173 3.33 -1.95 15.07
N PRO A 174 2.83 -1.47 13.92
CA PRO A 174 1.56 -1.97 13.40
C PRO A 174 1.62 -3.45 13.01
N GLU A 175 2.77 -3.91 12.52
CA GLU A 175 2.97 -5.28 12.15
C GLU A 175 2.85 -6.19 13.36
N ALA A 176 3.49 -5.80 14.46
CA ALA A 176 3.40 -6.62 15.68
C ALA A 176 1.95 -6.66 16.17
N ALA A 177 1.27 -5.52 16.11
CA ALA A 177 -0.14 -5.45 16.47
C ALA A 177 -0.99 -6.37 15.59
N HIS A 178 -0.72 -6.39 14.29
CA HIS A 178 -1.41 -7.29 13.35
C HIS A 178 -1.25 -8.76 13.78
N VAL A 179 -0.03 -9.14 14.14
CA VAL A 179 0.23 -10.50 14.65
C VAL A 179 -0.67 -10.81 15.85
N VAL A 180 -0.67 -9.92 16.84
CA VAL A 180 -1.37 -10.15 18.10
C VAL A 180 -2.86 -10.27 17.85
N PHE A 181 -3.42 -9.35 17.08
CA PHE A 181 -4.87 -9.34 16.85
C PHE A 181 -5.37 -10.51 16.00
N ASN A 182 -4.48 -11.15 15.25
CA ASN A 182 -4.86 -12.25 14.37
C ASN A 182 -4.50 -13.64 14.88
N GLU A 183 -4.14 -13.76 16.16
CA GLU A 183 -3.99 -15.05 16.81
C GLU A 183 -5.30 -15.41 17.51
N ASP A 184 -5.55 -16.71 17.65
CA ASP A 184 -6.77 -17.19 18.26
C ASP A 184 -6.62 -17.26 19.80
N TRP A 185 -6.57 -16.09 20.43
CA TRP A 185 -6.60 -15.95 21.88
C TRP A 185 -7.57 -14.83 22.20
N PRO A 186 -8.20 -14.88 23.40
CA PRO A 186 -9.12 -13.82 23.76
C PRO A 186 -8.39 -12.49 24.03
N ILE A 187 -8.86 -11.43 23.37
CA ILE A 187 -8.26 -10.11 23.48
C ILE A 187 -9.32 -9.11 23.92
N THR A 188 -8.96 -8.29 24.91
CA THR A 188 -9.68 -7.08 25.27
C THR A 188 -8.79 -5.87 24.91
N MET A 189 -9.26 -5.07 23.95
CA MET A 189 -8.59 -3.87 23.51
C MET A 189 -9.10 -2.67 24.33
N VAL A 190 -8.25 -2.19 25.24
CA VAL A 190 -8.57 -1.04 26.09
C VAL A 190 -8.03 0.18 25.37
N GLY A 191 -8.87 0.75 24.51
CA GLY A 191 -8.46 1.83 23.63
C GLY A 191 -8.77 3.22 24.16
N LEU A 192 -8.52 4.21 23.32
CA LEU A 192 -8.71 5.62 23.68
C LEU A 192 -10.17 5.97 23.98
N ASP A 193 -11.10 5.27 23.34
CA ASP A 193 -12.54 5.46 23.59
C ASP A 193 -12.79 5.28 25.08
N LEU A 194 -12.14 4.29 25.69
CA LEU A 194 -12.25 4.02 27.10
C LEU A 194 -11.39 4.96 27.94
N THR A 195 -10.08 4.99 27.65
CA THR A 195 -9.11 5.68 28.53
C THR A 195 -9.32 7.20 28.62
N HIS A 196 -9.91 7.80 27.57
CA HIS A 196 -10.21 9.22 27.60
C HIS A 196 -11.28 9.61 28.66
N GLN A 197 -12.00 8.61 29.19
CA GLN A 197 -12.88 8.80 30.34
C GLN A 197 -12.15 8.74 31.70
N ALA A 198 -10.91 8.26 31.74
CA ALA A 198 -10.21 8.07 33.01
C ALA A 198 -9.52 9.37 33.42
N LEU A 199 -10.33 10.37 33.77
CA LEU A 199 -9.86 11.75 33.88
C LEU A 199 -9.30 12.03 35.27
N CYS A 200 -8.15 12.70 35.32
CA CYS A 200 -7.46 13.04 36.56
C CYS A 200 -8.02 14.37 37.12
N THR A 201 -9.24 14.32 37.65
CA THR A 201 -9.91 15.53 38.11
C THR A 201 -9.29 16.03 39.43
N PRO A 202 -9.48 17.33 39.73
CA PRO A 202 -8.96 17.84 41.01
C PRO A 202 -9.38 17.03 42.24
N GLU A 203 -10.61 16.54 42.25
CA GLU A 203 -11.18 15.82 43.41
C GLU A 203 -10.53 14.45 43.63
N VAL A 204 -10.30 13.73 42.52
CA VAL A 204 -9.55 12.48 42.51
C VAL A 204 -8.16 12.71 43.08
N GLN A 205 -7.46 13.69 42.51
CA GLN A 205 -6.08 13.95 42.90
C GLN A 205 -5.99 14.39 44.37
N ALA A 206 -6.97 15.18 44.84
CA ALA A 206 -7.02 15.56 46.26
C ALA A 206 -7.17 14.34 47.17
N ARG A 207 -8.00 13.36 46.76
CA ARG A 207 -8.12 12.13 47.56
C ARG A 207 -6.80 11.32 47.59
N ILE A 208 -6.10 11.30 46.46
CA ILE A 208 -4.78 10.67 46.41
C ILE A 208 -3.79 11.42 47.32
N ASP A 209 -3.75 12.74 47.20
CA ASP A 209 -2.83 13.57 48.01
C ASP A 209 -3.02 13.29 49.52
N ALA A 210 -4.27 13.13 49.95
CA ALA A 210 -4.61 12.92 51.37
C ALA A 210 -4.09 11.61 51.97
N ILE A 211 -3.76 10.63 51.14
CA ILE A 211 -3.18 9.39 51.63
C ILE A 211 -1.89 9.65 52.40
N GLY A 212 -1.10 10.63 51.93
CA GLY A 212 0.03 11.17 52.66
C GLY A 212 1.25 10.30 52.82
N THR A 213 1.53 9.43 51.84
CA THR A 213 2.73 8.61 51.83
C THR A 213 3.66 9.01 50.67
N PRO A 214 4.91 8.53 50.69
CA PRO A 214 5.78 8.72 49.52
C PRO A 214 5.15 8.21 48.21
N LEU A 215 4.53 7.02 48.25
CA LEU A 215 3.90 6.46 47.05
C LEU A 215 2.71 7.27 46.56
N SER A 216 1.90 7.80 47.46
CA SER A 216 0.75 8.61 47.04
C SER A 216 1.25 9.91 46.43
N ALA A 217 2.29 10.49 47.02
CA ALA A 217 2.95 11.67 46.43
C ALA A 217 3.53 11.34 45.04
N PHE A 218 4.13 10.16 44.92
CA PHE A 218 4.60 9.67 43.60
C PHE A 218 3.45 9.58 42.59
N ALA A 219 2.35 8.96 42.96
CA ALA A 219 1.16 8.86 42.08
C ALA A 219 0.62 10.25 41.67
N SER A 220 0.50 11.14 42.66
CA SER A 220 0.12 12.51 42.40
C SER A 220 1.11 13.24 41.47
N GLY A 221 2.40 12.96 41.63
CA GLY A 221 3.42 13.45 40.68
C GLY A 221 3.24 12.95 39.26
N LEU A 222 2.83 11.70 39.12
CA LEU A 222 2.53 11.14 37.78
C LEU A 222 1.41 11.93 37.14
N MET A 223 0.41 12.27 37.95
CA MET A 223 -0.76 13.01 37.51
C MET A 223 -0.43 14.46 37.16
N ASP A 224 0.49 15.07 37.90
CA ASP A 224 1.05 16.37 37.50
C ASP A 224 1.73 16.29 36.12
N PHE A 225 2.47 15.23 35.86
CA PHE A 225 3.05 15.04 34.52
C PHE A 225 1.98 14.90 33.41
N PHE A 226 0.91 14.13 33.66
CA PHE A 226 -0.16 13.95 32.67
C PHE A 226 -0.73 15.31 32.28
N ARG A 227 -0.98 16.14 33.29
CA ARG A 227 -1.50 17.49 33.09
C ARG A 227 -0.56 18.33 32.24
N LYS A 228 0.73 18.29 32.54
CA LYS A 228 1.73 18.96 31.72
C LYS A 228 1.72 18.41 30.30
N ALA A 229 1.72 17.09 30.13
CA ALA A 229 1.72 16.51 28.78
C ALA A 229 0.49 16.94 27.97
N TYR A 230 -0.64 17.14 28.62
CA TYR A 230 -1.90 17.46 27.94
C TYR A 230 -2.24 18.96 27.95
N LYS A 231 -1.30 19.82 28.37
CA LYS A 231 -1.59 21.24 28.59
C LYS A 231 -2.06 21.99 27.33
N ASN A 232 -1.57 21.61 26.15
CA ASN A 232 -2.03 22.22 24.89
C ASN A 232 -3.19 21.46 24.21
N ASN A 233 -3.72 20.43 24.87
CA ASN A 233 -4.78 19.61 24.28
C ASN A 233 -6.12 20.08 24.82
N GLN A 234 -6.84 20.78 23.95
CA GLN A 234 -8.11 21.42 24.29
C GLN A 234 -9.30 20.46 24.38
N ASP A 235 -9.12 19.20 24.03
CA ASP A 235 -10.14 18.19 24.34
C ASP A 235 -10.17 17.80 25.82
N PHE A 236 -9.20 18.27 26.61
CA PHE A 236 -9.09 17.88 28.03
C PHE A 236 -8.87 19.06 28.96
N ILE A 237 -9.84 19.29 29.84
CA ILE A 237 -9.66 20.14 31.01
C ILE A 237 -8.74 19.44 32.01
N ASP A 238 -8.99 18.16 32.23
CA ASP A 238 -8.14 17.29 33.06
C ASP A 238 -7.62 16.17 32.18
N PRO A 239 -6.37 15.73 32.42
CA PRO A 239 -5.77 14.74 31.52
C PRO A 239 -6.26 13.33 31.81
N PRO A 240 -6.27 12.45 30.77
CA PRO A 240 -6.59 11.06 30.99
C PRO A 240 -5.37 10.30 31.48
N VAL A 241 -5.61 9.16 32.09
CA VAL A 241 -4.54 8.18 32.39
C VAL A 241 -4.94 6.89 31.65
N HIS A 242 -3.99 6.24 30.99
CA HIS A 242 -4.31 5.15 30.05
C HIS A 242 -4.09 3.76 30.64
N ASP A 243 -2.83 3.36 30.71
CA ASP A 243 -2.39 1.98 30.99
C ASP A 243 -3.06 1.27 32.18
N PRO A 244 -3.24 1.96 33.33
CA PRO A 244 -3.85 1.22 34.45
C PRO A 244 -5.29 0.73 34.24
N CYS A 245 -6.00 1.27 33.25
CA CYS A 245 -7.33 0.78 32.91
C CYS A 245 -7.35 -0.71 32.54
N THR A 246 -6.23 -1.23 32.01
CA THR A 246 -6.12 -2.66 31.70
C THR A 246 -6.21 -3.47 32.98
N VAL A 247 -5.43 -3.10 33.98
CA VAL A 247 -5.43 -3.82 35.26
C VAL A 247 -6.79 -3.63 35.98
N ALA A 248 -7.38 -2.44 35.87
CA ALA A 248 -8.71 -2.17 36.43
C ALA A 248 -9.77 -3.13 35.89
N TYR A 249 -9.78 -3.32 34.57
CA TYR A 249 -10.67 -4.30 33.90
C TYR A 249 -10.50 -5.70 34.52
N LEU A 250 -9.27 -6.14 34.68
CA LEU A 250 -9.00 -7.47 35.26
C LEU A 250 -9.42 -7.60 36.74
N ILE A 251 -9.29 -6.53 37.51
CA ILE A 251 -9.74 -6.55 38.89
C ILE A 251 -11.27 -6.68 38.96
N ASP A 252 -11.99 -5.96 38.13
CA ASP A 252 -13.44 -5.87 38.20
C ASP A 252 -13.98 -5.49 36.80
N HIS A 253 -14.55 -6.48 36.11
CA HIS A 253 -15.11 -6.29 34.76
C HIS A 253 -16.13 -5.14 34.65
N SER A 254 -16.89 -4.92 35.72
CA SER A 254 -17.87 -3.83 35.76
C SER A 254 -17.23 -2.43 35.64
N VAL A 255 -15.93 -2.30 35.93
CA VAL A 255 -15.23 -1.00 35.79
C VAL A 255 -15.02 -0.63 34.32
N VAL A 256 -14.83 -1.64 33.47
CA VAL A 256 -14.53 -1.43 32.06
C VAL A 256 -15.45 -2.32 31.24
N GLN A 257 -16.56 -1.73 30.79
CA GLN A 257 -17.48 -2.44 29.90
C GLN A 257 -16.81 -2.69 28.58
N THR A 258 -17.28 -3.76 27.92
CA THR A 258 -16.71 -4.23 26.67
C THR A 258 -17.79 -4.59 25.66
N ARG A 259 -17.43 -4.56 24.41
CA ARG A 259 -18.32 -4.95 23.33
C ARG A 259 -17.53 -5.84 22.36
N ARG A 260 -17.95 -7.10 22.19
CA ARG A 260 -17.30 -8.00 21.22
C ARG A 260 -17.50 -7.50 19.79
N CYS A 261 -16.43 -7.56 18.99
CA CYS A 261 -16.49 -7.24 17.58
C CYS A 261 -15.20 -7.70 16.93
N PRO A 262 -15.22 -7.97 15.61
CA PRO A 262 -13.97 -8.24 14.94
C PRO A 262 -13.07 -7.00 15.02
N VAL A 263 -11.79 -7.20 15.29
CA VAL A 263 -10.81 -6.11 15.27
C VAL A 263 -9.57 -6.58 14.51
N ASP A 264 -9.12 -5.76 13.57
CA ASP A 264 -7.92 -6.03 12.79
C ASP A 264 -7.14 -4.71 12.75
N VAL A 265 -5.88 -4.78 12.32
CA VAL A 265 -4.98 -3.63 12.29
C VAL A 265 -4.61 -3.30 10.86
N GLU A 266 -4.80 -2.03 10.48
CA GLU A 266 -4.41 -1.56 9.16
C GLU A 266 -2.89 -1.33 9.10
N ILE A 267 -2.20 -2.07 8.24
CA ILE A 267 -0.74 -1.95 8.09
C ILE A 267 -0.29 -1.44 6.72
N LYS A 268 -1.21 -1.14 5.81
CA LYS A 268 -0.85 -0.66 4.46
C LYS A 268 -1.29 0.76 4.10
N GLY A 269 -2.25 1.29 4.83
CA GLY A 269 -2.84 2.59 4.49
C GLY A 269 -1.93 3.79 4.70
N ASP A 270 -2.20 4.83 3.91
CA ASP A 270 -1.54 6.12 3.97
C ASP A 270 -2.06 6.83 5.22
N LEU A 271 -3.35 7.16 5.19
CA LEU A 271 -3.98 7.98 6.19
C LEU A 271 -4.27 7.16 7.43
N THR A 272 -4.44 5.84 7.28
CA THR A 272 -5.06 5.01 8.29
C THR A 272 -4.07 4.04 8.93
N LEU A 273 -2.77 4.28 8.74
CA LEU A 273 -1.73 3.38 9.26
C LEU A 273 -1.89 3.22 10.77
N GLY A 274 -1.89 1.98 11.23
CA GLY A 274 -2.02 1.67 12.65
C GLY A 274 -3.43 1.71 13.22
N MET A 275 -4.44 1.98 12.39
CA MET A 275 -5.82 1.96 12.85
C MET A 275 -6.25 0.56 13.32
N THR A 276 -6.85 0.50 14.49
CA THR A 276 -7.55 -0.70 14.92
C THR A 276 -8.96 -0.59 14.37
N VAL A 277 -9.23 -1.39 13.34
CA VAL A 277 -10.49 -1.38 12.60
C VAL A 277 -11.48 -2.32 13.29
N ALA A 278 -12.47 -1.74 13.97
CA ALA A 278 -13.47 -2.51 14.70
C ALA A 278 -14.73 -2.56 13.87
N ASP A 279 -15.21 -3.78 13.58
CA ASP A 279 -16.42 -3.94 12.80
C ASP A 279 -17.62 -3.93 13.75
N LEU A 280 -18.26 -2.77 13.85
CA LEU A 280 -19.42 -2.58 14.73
C LEU A 280 -20.76 -2.69 13.98
N ARG A 281 -20.73 -3.21 12.75
CA ARG A 281 -21.98 -3.42 12.00
C ARG A 281 -22.65 -4.67 12.53
N GLY A 282 -23.97 -4.65 12.63
CA GLY A 282 -24.74 -5.79 13.14
C GLY A 282 -24.68 -5.91 14.66
N PRO A 283 -25.41 -6.89 15.21
CA PRO A 283 -25.45 -7.06 16.65
C PRO A 283 -24.15 -7.66 17.21
N GLU A 284 -23.97 -7.58 18.51
CA GLU A 284 -22.81 -8.14 19.17
C GLU A 284 -22.72 -9.66 18.98
N PRO A 285 -21.65 -10.15 18.34
CA PRO A 285 -21.51 -11.60 18.24
C PRO A 285 -21.10 -12.25 19.58
N SER A 286 -21.26 -13.56 19.65
CA SER A 286 -20.99 -14.31 20.88
C SER A 286 -19.49 -14.51 21.06
N ALA A 287 -19.09 -14.82 22.29
CA ALA A 287 -17.67 -15.09 22.61
C ALA A 287 -17.12 -16.26 21.80
N ASP A 288 -17.96 -17.27 21.59
CA ASP A 288 -17.69 -18.40 20.70
C ASP A 288 -17.24 -17.98 19.29
N LYS A 289 -17.93 -16.99 18.73
CA LYS A 289 -17.71 -16.54 17.36
C LYS A 289 -16.67 -15.41 17.21
N CYS A 290 -16.37 -14.71 18.30
CA CYS A 290 -15.57 -13.50 18.23
C CYS A 290 -14.62 -13.38 19.41
N HIS A 291 -13.33 -13.58 19.13
CA HIS A 291 -12.29 -13.63 20.17
C HIS A 291 -11.85 -12.26 20.71
N THR A 292 -12.26 -11.18 20.01
CA THR A 292 -11.86 -9.82 20.34
C THR A 292 -13.03 -8.96 20.83
N GLN A 293 -12.73 -8.05 21.75
CA GLN A 293 -13.70 -7.07 22.24
C GLN A 293 -13.00 -5.75 22.56
N VAL A 294 -13.75 -4.66 22.42
CA VAL A 294 -13.24 -3.33 22.65
C VAL A 294 -13.84 -2.79 23.94
N ALA A 295 -13.04 -2.04 24.67
CA ALA A 295 -13.50 -1.38 25.89
C ALA A 295 -14.31 -0.13 25.50
N THR A 296 -15.45 0.07 26.16
CA THR A 296 -16.42 1.12 25.80
C THR A 296 -16.58 2.15 26.92
N LYS A 297 -17.17 1.74 28.04
CA LYS A 297 -17.59 2.65 29.12
C LYS A 297 -16.82 2.36 30.41
N LEU A 298 -16.25 3.42 30.98
CA LEU A 298 -15.55 3.38 32.26
C LEU A 298 -16.51 3.73 33.39
N ASP A 299 -16.43 2.99 34.50
CA ASP A 299 -17.05 3.41 35.74
C ASP A 299 -16.01 4.29 36.47
N PHE A 300 -16.13 5.60 36.24
CA PHE A 300 -15.16 6.58 36.73
C PHE A 300 -14.90 6.44 38.23
N ASN A 301 -15.98 6.42 38.99
CA ASN A 301 -15.93 6.32 40.44
C ASN A 301 -15.26 5.06 40.96
N LYS A 302 -15.60 3.90 40.40
CA LYS A 302 -14.98 2.63 40.79
C LYS A 302 -13.51 2.56 40.37
N PHE A 303 -13.21 3.08 39.18
CA PHE A 303 -11.84 3.10 38.70
C PHE A 303 -10.93 3.84 39.69
N TRP A 304 -11.31 5.05 40.05
CA TRP A 304 -10.48 5.85 40.94
C TRP A 304 -10.40 5.27 42.37
N ASP A 305 -11.48 4.62 42.81
CA ASP A 305 -11.44 3.88 44.08
C ASP A 305 -10.40 2.75 44.09
N LEU A 306 -10.26 2.05 42.95
CA LEU A 306 -9.23 1.01 42.82
C LEU A 306 -7.84 1.58 42.96
N ILE A 307 -7.59 2.71 42.31
CA ILE A 307 -6.29 3.38 42.38
C ILE A 307 -5.99 3.80 43.83
N ILE A 308 -6.96 4.47 44.44
CA ILE A 308 -6.81 4.97 45.80
C ILE A 308 -6.60 3.82 46.79
N ASP A 309 -7.39 2.76 46.65
CA ASP A 309 -7.24 1.59 47.54
C ASP A 309 -5.90 0.89 47.39
N ALA A 310 -5.42 0.76 46.14
CA ALA A 310 -4.08 0.19 45.89
C ALA A 310 -2.99 1.02 46.55
N LEU A 311 -3.07 2.35 46.41
CA LEU A 311 -2.07 3.24 47.01
C LEU A 311 -2.09 3.12 48.55
N LYS A 312 -3.28 3.04 49.14
CA LYS A 312 -3.40 2.84 50.58
C LYS A 312 -2.82 1.50 51.03
N GLU A 313 -3.11 0.43 50.28
CA GLU A 313 -2.61 -0.92 50.60
C GLU A 313 -1.09 -1.01 50.56
N LEU A 314 -0.45 -0.28 49.64
CA LEU A 314 1.00 -0.30 49.54
C LEU A 314 1.75 0.38 50.71
N LYS A 315 1.07 1.31 51.39
CA LYS A 315 1.63 2.06 52.51
C LYS A 315 2.95 2.77 52.16
N MET B 4 39.37 -20.83 5.11
CA MET B 4 38.28 -21.67 5.67
C MET B 4 37.11 -20.75 5.98
N THR B 5 35.95 -21.06 5.42
CA THR B 5 34.73 -20.32 5.68
C THR B 5 33.85 -21.19 6.58
N THR B 6 33.40 -20.62 7.69
CA THR B 6 32.60 -21.32 8.68
C THR B 6 31.16 -20.85 8.55
N ILE B 7 30.25 -21.79 8.25
CA ILE B 7 28.86 -21.41 7.94
C ILE B 7 27.78 -22.04 8.81
N ILE B 8 26.64 -21.33 8.86
CA ILE B 8 25.39 -21.87 9.31
C ILE B 8 24.51 -21.88 8.09
N LEU B 9 23.97 -23.05 7.76
CA LEU B 9 23.14 -23.19 6.59
C LEU B 9 21.69 -23.23 7.05
N ASP B 10 20.95 -22.18 6.74
CA ASP B 10 19.57 -22.02 7.13
C ASP B 10 18.73 -22.30 5.88
N CYS B 11 17.93 -23.36 5.93
CA CYS B 11 17.43 -23.97 4.71
C CYS B 11 16.09 -24.68 4.92
N ASP B 12 15.54 -25.16 3.81
CA ASP B 12 14.24 -25.82 3.82
C ASP B 12 14.21 -26.95 2.78
N PRO B 13 15.00 -28.01 3.02
CA PRO B 13 15.14 -29.02 1.98
C PRO B 13 13.83 -29.79 1.64
N GLY B 14 13.36 -29.77 0.40
CA GLY B 14 13.93 -29.00 -0.73
C GLY B 14 15.09 -29.74 -1.39
N HIS B 15 14.89 -30.10 -2.66
CA HIS B 15 15.92 -30.82 -3.41
C HIS B 15 17.14 -29.92 -3.70
N ASP B 16 16.92 -28.63 -3.93
CA ASP B 16 18.02 -27.66 -4.12
C ASP B 16 18.87 -27.54 -2.86
N ASP B 17 18.23 -27.44 -1.70
CA ASP B 17 18.96 -27.33 -0.44
C ASP B 17 19.77 -28.59 -0.18
N ALA B 18 19.22 -29.74 -0.52
CA ALA B 18 19.95 -30.99 -0.36
C ALA B 18 21.25 -30.95 -1.16
N MET B 19 21.22 -30.39 -2.37
CA MET B 19 22.47 -30.26 -3.17
C MET B 19 23.45 -29.32 -2.49
N ALA B 20 22.94 -28.22 -1.90
CA ALA B 20 23.80 -27.28 -1.14
C ALA B 20 24.46 -27.95 0.08
N ILE B 21 23.72 -28.81 0.77
CA ILE B 21 24.27 -29.55 1.90
C ILE B 21 25.43 -30.43 1.44
N LEU B 22 25.24 -31.14 0.32
CA LEU B 22 26.28 -32.02 -0.20
C LEU B 22 27.55 -31.23 -0.59
N LEU B 23 27.37 -30.09 -1.23
CA LEU B 23 28.51 -29.24 -1.60
C LEU B 23 29.25 -28.71 -0.38
N ALA B 24 28.51 -28.22 0.62
CA ALA B 24 29.10 -27.73 1.86
C ALA B 24 29.92 -28.82 2.57
N LEU B 25 29.37 -30.03 2.65
CA LEU B 25 30.06 -31.15 3.32
C LEU B 25 31.27 -31.63 2.53
N GLY B 26 31.15 -31.69 1.21
CA GLY B 26 32.18 -32.28 0.36
C GLY B 26 33.38 -31.40 0.05
N ASN B 27 33.22 -30.08 0.18
CA ASN B 27 34.32 -29.16 -0.08
C ASN B 27 35.10 -28.86 1.20
N PRO B 28 36.43 -29.06 1.18
CA PRO B 28 37.22 -28.86 2.41
C PRO B 28 37.42 -27.41 2.85
N ASN B 29 37.03 -26.44 2.02
CA ASN B 29 37.12 -25.02 2.41
C ASN B 29 35.91 -24.56 3.20
N ILE B 30 34.91 -25.43 3.38
CA ILE B 30 33.70 -25.07 4.12
C ILE B 30 33.64 -25.87 5.42
N ASP B 31 33.43 -25.17 6.52
CA ASP B 31 33.18 -25.77 7.82
C ASP B 31 31.70 -25.52 8.16
N LEU B 32 30.89 -26.56 8.02
CA LEU B 32 29.47 -26.48 8.35
C LEU B 32 29.27 -26.60 9.86
N LEU B 33 29.02 -25.49 10.54
CA LEU B 33 28.74 -25.50 11.99
C LEU B 33 27.42 -26.18 12.33
N GLY B 34 26.43 -26.02 11.49
CA GLY B 34 25.14 -26.62 11.74
C GLY B 34 24.11 -26.15 10.76
N VAL B 35 22.99 -26.86 10.78
CA VAL B 35 21.86 -26.66 9.89
C VAL B 35 20.66 -26.18 10.73
N THR B 36 19.95 -25.18 10.20
CA THR B 36 18.75 -24.68 10.82
C THR B 36 17.70 -24.69 9.73
N THR B 37 16.44 -24.93 10.12
CA THR B 37 15.37 -25.08 9.15
C THR B 37 14.23 -24.12 9.36
N VAL B 38 13.53 -23.82 8.26
CA VAL B 38 12.48 -22.82 8.23
C VAL B 38 11.31 -23.31 7.37
N GLY B 39 10.10 -23.18 7.91
CA GLY B 39 8.87 -23.52 7.20
C GLY B 39 8.32 -22.28 6.52
N GLY B 40 7.45 -22.46 5.52
CA GLY B 40 6.83 -21.31 4.84
C GLY B 40 6.67 -21.54 3.37
N ASN B 41 7.72 -22.09 2.79
CA ASN B 41 7.72 -22.54 1.42
C ASN B 41 7.13 -23.96 1.40
N GLN B 42 7.59 -24.78 2.33
CA GLN B 42 7.00 -26.08 2.68
C GLN B 42 6.93 -26.19 4.20
N SER B 43 6.33 -27.27 4.72
CA SER B 43 6.10 -27.37 6.16
C SER B 43 7.42 -27.57 6.91
N LEU B 44 7.57 -26.92 8.05
CA LEU B 44 8.72 -27.11 8.93
C LEU B 44 9.02 -28.59 9.22
N GLU B 45 7.99 -29.35 9.51
CA GLU B 45 8.18 -30.77 9.87
C GLU B 45 8.80 -31.55 8.72
N LYS B 46 8.28 -31.36 7.51
CA LYS B 46 8.81 -32.04 6.32
C LYS B 46 10.30 -31.67 6.05
N VAL B 47 10.60 -30.38 5.99
CA VAL B 47 11.95 -29.93 5.64
C VAL B 47 13.00 -30.24 6.73
N THR B 48 12.57 -30.27 7.99
CA THR B 48 13.47 -30.60 9.10
C THR B 48 13.90 -32.07 8.99
N TYR B 49 12.91 -32.95 8.79
CA TYR B 49 13.21 -34.37 8.53
C TYR B 49 14.14 -34.53 7.34
N ASN B 50 13.82 -33.85 6.24
CA ASN B 50 14.63 -33.94 5.01
C ASN B 50 16.09 -33.52 5.22
N ALA B 51 16.29 -32.44 6.00
CA ALA B 51 17.64 -31.97 6.31
C ALA B 51 18.44 -33.00 7.12
N ARG B 52 17.79 -33.57 8.13
CA ARG B 52 18.44 -34.60 8.98
C ARG B 52 18.75 -35.86 8.19
N ALA B 53 17.81 -36.29 7.34
CA ALA B 53 18.01 -37.49 6.53
C ALA B 53 19.07 -37.32 5.46
N THR B 54 19.17 -36.10 4.89
CA THR B 54 20.22 -35.79 3.93
C THR B 54 21.58 -35.84 4.59
N LEU B 55 21.70 -35.23 5.75
CA LEU B 55 22.94 -35.30 6.53
C LEU B 55 23.31 -36.75 6.86
N GLU B 56 22.32 -37.56 7.24
CA GLU B 56 22.55 -38.99 7.50
C GLU B 56 23.10 -39.68 6.23
N MET B 57 22.48 -39.43 5.08
CA MET B 57 22.94 -39.98 3.80
C MET B 57 24.41 -39.66 3.52
N ALA B 58 24.85 -38.47 3.91
CA ALA B 58 26.23 -38.04 3.70
C ALA B 58 27.15 -38.34 4.88
N HIS B 59 26.73 -39.21 5.80
CA HIS B 59 27.52 -39.59 6.97
C HIS B 59 27.99 -38.40 7.80
N ALA B 60 27.12 -37.38 7.91
CA ALA B 60 27.42 -36.18 8.66
C ALA B 60 26.51 -36.13 9.90
N THR B 61 26.57 -37.20 10.68
CA THR B 61 25.80 -37.35 11.93
C THR B 61 26.33 -36.47 13.08
N ASN B 62 27.52 -35.89 12.90
CA ASN B 62 28.07 -34.90 13.83
C ASN B 62 27.54 -33.47 13.66
N ILE B 63 26.73 -33.22 12.62
CA ILE B 63 26.25 -31.86 12.31
C ILE B 63 24.90 -31.61 13.03
N PRO B 64 24.84 -30.59 13.90
CA PRO B 64 23.56 -30.28 14.55
C PRO B 64 22.50 -29.78 13.58
N VAL B 65 21.26 -30.14 13.86
CA VAL B 65 20.09 -29.59 13.18
C VAL B 65 19.16 -29.02 14.25
N HIS B 66 18.75 -27.76 14.05
CA HIS B 66 17.73 -27.14 14.88
C HIS B 66 16.59 -26.64 14.02
N ALA B 67 15.36 -26.94 14.43
CA ALA B 67 14.16 -26.47 13.73
C ALA B 67 13.86 -25.05 14.16
N GLY B 68 13.49 -24.21 13.20
CA GLY B 68 13.16 -22.82 13.46
C GLY B 68 11.69 -22.49 13.31
N CYS B 69 11.43 -21.31 12.71
CA CYS B 69 10.07 -20.79 12.53
C CYS B 69 9.28 -21.62 11.53
N ASP B 70 7.98 -21.76 11.79
CA ASP B 70 7.09 -22.60 10.97
C ASP B 70 6.20 -21.75 10.05
N ARG B 71 6.33 -20.43 10.11
CA ARG B 71 5.48 -19.55 9.28
C ARG B 71 6.14 -18.20 9.14
N PRO B 72 5.66 -17.37 8.18
CA PRO B 72 6.24 -16.02 8.06
C PRO B 72 6.03 -15.12 9.29
N MET B 73 6.85 -14.08 9.41
CA MET B 73 6.74 -13.12 10.52
C MET B 73 5.36 -12.54 10.62
N ILE B 74 4.86 -12.00 9.49
CA ILE B 74 3.59 -11.28 9.47
C ILE B 74 2.50 -11.93 8.65
N ARG B 75 2.80 -12.32 7.42
CA ARG B 75 1.74 -12.78 6.54
C ARG B 75 1.38 -14.24 6.81
N PRO B 76 0.19 -14.67 6.37
CA PRO B 76 -0.25 -15.99 6.79
C PRO B 76 0.48 -17.10 6.07
N LEU B 77 0.52 -18.24 6.74
CA LEU B 77 1.15 -19.45 6.24
C LEU B 77 0.37 -19.98 5.04
N GLU B 78 1.07 -20.20 3.93
CA GLU B 78 0.50 -20.67 2.65
C GLU B 78 1.28 -21.89 2.11
N VAL B 79 1.10 -23.03 2.76
CA VAL B 79 1.84 -24.28 2.43
C VAL B 79 0.81 -25.37 2.09
N ALA B 80 1.14 -26.25 1.15
CA ALA B 80 0.18 -27.26 0.65
C ALA B 80 -0.16 -28.29 1.74
N ALA B 81 -1.34 -28.89 1.65
CA ALA B 81 -1.81 -29.84 2.67
C ALA B 81 -0.93 -31.09 2.69
N ALA B 82 -0.64 -31.61 3.89
CA ALA B 82 0.24 -32.78 4.07
C ALA B 82 -0.43 -34.04 3.49
N VAL B 83 0.40 -34.95 2.97
CA VAL B 83 -0.02 -36.24 2.39
C VAL B 83 0.60 -37.34 3.27
N HIS B 84 -0.20 -38.33 3.66
CA HIS B 84 0.24 -39.37 4.61
C HIS B 84 1.33 -40.34 4.12
N GLY B 85 1.50 -40.52 2.81
CA GLY B 85 2.58 -41.35 2.25
C GLY B 85 3.74 -40.53 1.71
N GLU B 86 4.01 -39.40 2.35
CA GLU B 86 5.20 -38.62 2.07
C GLU B 86 6.01 -38.46 3.35
N THR B 87 7.24 -38.97 3.26
CA THR B 87 8.34 -38.58 4.08
C THR B 87 9.53 -38.51 3.12
N GLY B 88 10.47 -37.66 3.46
CA GLY B 88 11.66 -37.56 2.63
C GLY B 88 11.45 -36.68 1.41
N LEU B 89 12.40 -36.76 0.51
CA LEU B 89 12.44 -35.96 -0.70
C LEU B 89 11.87 -36.81 -1.83
N ASP B 90 10.96 -36.22 -2.57
CA ASP B 90 10.28 -36.87 -3.69
C ASP B 90 11.30 -37.44 -4.71
N GLY B 91 11.08 -38.69 -5.14
CA GLY B 91 11.89 -39.28 -6.21
C GLY B 91 13.17 -39.98 -5.77
N VAL B 92 13.55 -39.84 -4.51
CA VAL B 92 14.77 -40.49 -3.96
C VAL B 92 14.47 -41.09 -2.60
N THR B 93 15.39 -41.90 -2.08
CA THR B 93 15.23 -42.54 -0.78
C THR B 93 16.38 -42.12 0.11
N LEU B 94 16.09 -41.81 1.37
CA LEU B 94 17.11 -41.40 2.32
C LEU B 94 17.03 -42.32 3.53
N PRO B 95 18.17 -42.69 4.13
CA PRO B 95 18.12 -43.44 5.40
C PRO B 95 17.48 -42.60 6.52
N GLU B 96 16.87 -43.29 7.48
CA GLU B 96 16.32 -42.65 8.66
C GLU B 96 17.46 -42.02 9.48
N PRO B 97 17.27 -40.79 9.98
CA PRO B 97 18.35 -40.16 10.74
C PRO B 97 18.67 -40.92 12.02
N THR B 98 19.93 -41.11 12.32
CA THR B 98 20.35 -41.78 13.56
C THR B 98 20.55 -40.75 14.68
N ARG B 99 20.89 -39.50 14.34
CA ARG B 99 21.03 -38.43 15.32
C ARG B 99 19.67 -37.78 15.59
N PRO B 100 19.25 -37.72 16.87
CA PRO B 100 17.96 -37.04 17.13
C PRO B 100 18.03 -35.55 16.82
N LEU B 101 16.90 -34.94 16.47
CA LEU B 101 16.82 -33.50 16.28
C LEU B 101 17.35 -32.83 17.53
N ASP B 102 18.25 -31.87 17.38
CA ASP B 102 18.84 -31.19 18.56
C ASP B 102 17.79 -30.27 19.17
N GLU B 103 17.84 -30.12 20.48
CA GLU B 103 16.79 -29.37 21.18
C GLU B 103 17.07 -27.88 21.09
N GLY B 104 16.00 -27.11 21.05
CA GLY B 104 16.07 -25.65 21.12
C GLY B 104 15.70 -25.07 19.76
N HIS B 105 15.18 -23.86 19.79
CA HIS B 105 14.77 -23.17 18.57
C HIS B 105 16.00 -22.71 17.78
N ALA B 106 15.94 -22.87 16.47
CA ALA B 106 17.02 -22.42 15.58
C ALA B 106 17.41 -20.97 15.81
N VAL B 107 16.43 -20.10 16.03
CA VAL B 107 16.71 -18.67 16.22
C VAL B 107 17.62 -18.47 17.46
N ASN B 108 17.28 -19.13 18.56
CA ASN B 108 18.13 -19.05 19.76
C ASN B 108 19.51 -19.71 19.55
N TRP B 109 19.55 -20.82 18.82
CA TRP B 109 20.82 -21.48 18.51
C TRP B 109 21.71 -20.59 17.61
N ILE B 110 21.13 -19.97 16.59
CA ILE B 110 21.87 -19.05 15.75
C ILE B 110 22.47 -17.92 16.61
N ILE B 111 21.65 -17.35 17.49
CA ILE B 111 22.09 -16.27 18.37
C ILE B 111 23.22 -16.77 19.30
N ASP B 112 22.99 -17.87 20.01
CA ASP B 112 23.99 -18.34 20.99
C ASP B 112 25.31 -18.66 20.31
N THR B 113 25.24 -19.27 19.12
CA THR B 113 26.42 -19.61 18.34
C THR B 113 27.22 -18.39 17.91
N ILE B 114 26.55 -17.38 17.37
CA ILE B 114 27.22 -16.16 16.93
C ILE B 114 27.81 -15.39 18.14
N MET B 115 27.10 -15.35 19.25
CA MET B 115 27.59 -14.64 20.45
C MET B 115 28.75 -15.38 21.15
N SER B 116 28.81 -16.71 21.03
CA SER B 116 29.88 -17.49 21.67
C SER B 116 31.14 -17.65 20.82
N HIS B 117 31.06 -17.42 19.51
CA HIS B 117 32.22 -17.54 18.63
C HIS B 117 32.83 -16.17 18.45
N GLU B 118 34.09 -16.13 18.00
CA GLU B 118 34.79 -14.85 17.80
C GLU B 118 34.08 -14.03 16.72
N PRO B 119 34.06 -12.69 16.88
CA PRO B 119 33.39 -11.87 15.86
C PRO B 119 34.07 -11.99 14.51
N GLY B 120 33.32 -11.80 13.43
CA GLY B 120 33.85 -11.89 12.09
C GLY B 120 34.20 -13.28 11.57
N THR B 121 33.73 -14.34 12.22
CA THR B 121 34.09 -15.71 11.80
C THR B 121 32.96 -16.54 11.17
N ILE B 122 31.70 -16.23 11.50
CA ILE B 122 30.57 -17.01 11.00
C ILE B 122 29.90 -16.31 9.80
N THR B 123 29.65 -17.09 8.75
CA THR B 123 28.92 -16.64 7.57
C THR B 123 27.55 -17.32 7.58
N LEU B 124 26.49 -16.53 7.50
CA LEU B 124 25.13 -17.07 7.41
C LEU B 124 24.78 -17.36 5.97
N VAL B 125 24.23 -18.53 5.70
CA VAL B 125 23.87 -18.96 4.35
C VAL B 125 22.41 -19.38 4.33
N PRO B 126 21.50 -18.40 4.11
CA PRO B 126 20.08 -18.72 4.04
C PRO B 126 19.70 -19.15 2.63
N THR B 127 19.00 -20.27 2.51
CA THR B 127 18.53 -20.75 1.22
C THR B 127 17.02 -21.03 1.19
N GLY B 128 16.31 -20.50 2.19
CA GLY B 128 14.86 -20.57 2.26
C GLY B 128 14.34 -19.16 2.52
N PRO B 129 13.07 -19.03 2.92
CA PRO B 129 12.57 -17.71 3.38
C PRO B 129 13.43 -17.22 4.53
N LEU B 130 13.45 -15.91 4.73
CA LEU B 130 14.42 -15.30 5.62
C LEU B 130 13.97 -15.13 7.07
N THR B 131 12.87 -15.81 7.42
CA THR B 131 12.21 -15.69 8.71
C THR B 131 13.12 -15.89 9.95
N ASN B 132 13.91 -16.95 9.97
CA ASN B 132 14.79 -17.24 11.12
C ASN B 132 15.85 -16.15 11.25
N ILE B 133 16.35 -15.66 10.12
CA ILE B 133 17.42 -14.68 10.12
C ILE B 133 16.89 -13.34 10.69
N ALA B 134 15.75 -12.89 10.15
CA ALA B 134 15.08 -11.69 10.64
C ALA B 134 14.73 -11.76 12.13
N MET B 135 14.18 -12.90 12.56
CA MET B 135 13.84 -13.10 13.95
C MET B 135 15.07 -13.04 14.88
N ALA B 136 16.19 -13.64 14.45
CA ALA B 136 17.43 -13.62 15.22
C ALA B 136 17.98 -12.21 15.39
N VAL B 137 17.97 -11.46 14.31
CA VAL B 137 18.37 -10.07 14.29
C VAL B 137 17.59 -9.22 15.29
N ARG B 138 16.26 -9.40 15.31
CA ARG B 138 15.42 -8.60 16.20
C ARG B 138 15.54 -9.04 17.66
N LEU B 139 15.70 -10.34 17.88
CA LEU B 139 15.86 -10.85 19.26
C LEU B 139 17.24 -10.53 19.86
N GLU B 140 18.27 -10.46 19.02
CA GLU B 140 19.62 -10.08 19.46
C GLU B 140 20.32 -9.19 18.43
N PRO B 141 20.11 -7.88 18.52
CA PRO B 141 20.76 -6.98 17.55
C PRO B 141 22.29 -7.02 17.53
N ARG B 142 22.90 -7.51 18.60
CA ARG B 142 24.36 -7.61 18.63
C ARG B 142 24.94 -8.65 17.67
N ILE B 143 24.12 -9.55 17.11
CA ILE B 143 24.66 -10.50 16.12
C ILE B 143 25.10 -9.85 14.81
N VAL B 144 24.49 -8.72 14.46
CA VAL B 144 24.64 -8.18 13.10
C VAL B 144 26.09 -7.79 12.78
N SER B 145 26.73 -7.03 13.67
CA SER B 145 28.11 -6.61 13.45
C SER B 145 29.10 -7.79 13.61
N ARG B 146 28.67 -8.84 14.29
CA ARG B 146 29.53 -10.02 14.51
C ARG B 146 29.58 -11.00 13.32
N VAL B 147 28.56 -10.98 12.46
CA VAL B 147 28.48 -11.87 11.33
C VAL B 147 29.44 -11.38 10.26
N LYS B 148 30.16 -12.31 9.66
CA LYS B 148 31.14 -11.98 8.61
C LYS B 148 30.43 -11.54 7.34
N GLU B 149 29.42 -12.31 6.92
CA GLU B 149 28.71 -12.08 5.66
C GLU B 149 27.43 -12.90 5.67
N VAL B 150 26.43 -12.44 4.91
CA VAL B 150 25.23 -13.22 4.65
C VAL B 150 25.23 -13.49 3.15
N VAL B 151 25.17 -14.77 2.76
CA VAL B 151 25.09 -15.17 1.36
C VAL B 151 23.81 -15.97 1.21
N LEU B 152 22.80 -15.35 0.60
CA LEU B 152 21.46 -15.95 0.57
C LEU B 152 21.06 -16.29 -0.84
N MET B 153 20.27 -17.37 -0.99
CA MET B 153 19.63 -17.70 -2.28
C MET B 153 18.23 -17.12 -2.20
N GLY B 154 17.98 -16.17 -3.07
CA GLY B 154 16.76 -15.46 -3.09
C GLY B 154 16.85 -14.26 -4.00
N GLY B 155 15.68 -13.82 -4.43
CA GLY B 155 15.55 -12.62 -5.21
C GLY B 155 15.90 -12.73 -6.66
N GLY B 156 16.03 -11.55 -7.25
CA GLY B 156 16.32 -11.44 -8.65
C GLY B 156 16.21 -9.97 -9.01
N TYR B 157 17.27 -9.43 -9.64
CA TYR B 157 17.26 -8.01 -9.98
C TYR B 157 16.50 -7.74 -11.29
N HIS B 158 16.66 -8.59 -12.30
CA HIS B 158 15.90 -8.46 -13.57
C HIS B 158 15.08 -9.72 -13.95
N VAL B 159 14.89 -10.64 -13.01
CA VAL B 159 14.19 -11.90 -13.27
C VAL B 159 13.32 -12.24 -12.07
N GLY B 160 12.06 -12.65 -12.32
CA GLY B 160 11.18 -13.23 -11.31
C GLY B 160 10.78 -14.65 -11.71
N ASN B 161 10.29 -15.45 -10.76
CA ASN B 161 9.68 -16.75 -11.10
C ASN B 161 8.24 -16.84 -10.56
N TRP B 162 8.04 -16.65 -9.27
CA TRP B 162 6.68 -16.59 -8.69
C TRP B 162 5.83 -15.51 -9.36
N SER B 163 6.42 -14.35 -9.62
CA SER B 163 5.75 -13.28 -10.40
C SER B 163 6.73 -12.82 -11.47
N ALA B 164 6.30 -11.85 -12.27
CA ALA B 164 7.15 -11.22 -13.26
C ALA B 164 8.44 -10.64 -12.67
N VAL B 165 8.38 -10.18 -11.42
CA VAL B 165 9.50 -9.50 -10.79
C VAL B 165 10.02 -10.09 -9.48
N ALA B 166 9.31 -11.04 -8.89
CA ALA B 166 9.68 -11.56 -7.57
C ALA B 166 9.93 -13.03 -7.56
N GLU B 167 10.74 -13.44 -6.58
CA GLU B 167 11.20 -14.81 -6.38
C GLU B 167 10.61 -15.42 -5.11
N PHE B 168 10.48 -16.75 -5.10
CA PHE B 168 9.73 -17.47 -4.06
C PHE B 168 10.20 -17.23 -2.61
N ASN B 169 11.49 -17.43 -2.35
CA ASN B 169 12.03 -17.27 -0.99
C ASN B 169 11.73 -15.90 -0.40
N ILE B 170 11.86 -14.85 -1.22
CA ILE B 170 11.60 -13.50 -0.75
C ILE B 170 10.10 -13.29 -0.55
N LYS B 171 9.29 -13.71 -1.51
CA LYS B 171 7.86 -13.45 -1.44
C LYS B 171 7.16 -14.18 -0.31
N VAL B 172 7.64 -15.36 0.05
CA VAL B 172 7.05 -16.11 1.19
C VAL B 172 7.04 -15.27 2.47
N ASP B 173 8.12 -14.51 2.68
CA ASP B 173 8.21 -13.63 3.86
C ASP B 173 8.93 -12.34 3.49
N PRO B 174 8.21 -11.43 2.80
CA PRO B 174 8.82 -10.19 2.35
C PRO B 174 9.29 -9.29 3.50
N GLU B 175 8.56 -9.31 4.61
CA GLU B 175 8.89 -8.55 5.78
C GLU B 175 10.21 -9.01 6.36
N ALA B 176 10.38 -10.32 6.48
CA ALA B 176 11.64 -10.85 7.02
C ALA B 176 12.80 -10.49 6.09
N ALA B 177 12.57 -10.58 4.79
CA ALA B 177 13.57 -10.16 3.81
C ALA B 177 13.93 -8.67 3.96
N HIS B 178 12.92 -7.82 4.16
CA HIS B 178 13.13 -6.39 4.42
C HIS B 178 14.05 -6.16 5.62
N VAL B 179 13.80 -6.89 6.71
CA VAL B 179 14.67 -6.83 7.89
C VAL B 179 16.12 -7.13 7.51
N VAL B 180 16.33 -8.26 6.83
CA VAL B 180 17.67 -8.74 6.54
C VAL B 180 18.41 -7.75 5.65
N PHE B 181 17.75 -7.28 4.60
CA PHE B 181 18.41 -6.38 3.66
C PHE B 181 18.72 -4.98 4.23
N ASN B 182 18.03 -4.61 5.30
CA ASN B 182 18.22 -3.28 5.92
C ASN B 182 19.07 -3.26 7.19
N GLU B 183 19.74 -4.36 7.48
CA GLU B 183 20.77 -4.39 8.54
C GLU B 183 22.14 -4.11 7.96
N ASP B 184 23.02 -3.55 8.76
CA ASP B 184 24.35 -3.19 8.32
C ASP B 184 25.30 -4.38 8.46
N TRP B 185 25.09 -5.38 7.59
CA TRP B 185 26.01 -6.51 7.44
C TRP B 185 26.21 -6.73 5.96
N PRO B 186 27.38 -7.28 5.56
CA PRO B 186 27.61 -7.53 4.15
C PRO B 186 26.72 -8.67 3.62
N ILE B 187 26.00 -8.39 2.52
CA ILE B 187 25.07 -9.32 1.91
C ILE B 187 25.46 -9.54 0.46
N THR B 188 25.51 -10.82 0.07
CA THR B 188 25.53 -11.25 -1.32
C THR B 188 24.18 -11.92 -1.64
N MET B 189 23.43 -11.31 -2.54
CA MET B 189 22.16 -11.83 -3.02
C MET B 189 22.39 -12.70 -4.25
N VAL B 190 22.28 -14.02 -4.07
CA VAL B 190 22.44 -14.98 -5.17
C VAL B 190 21.04 -15.24 -5.71
N GLY B 191 20.65 -14.40 -6.67
CA GLY B 191 19.31 -14.42 -7.22
C GLY B 191 19.14 -15.25 -8.49
N LEU B 192 17.96 -15.17 -9.06
CA LEU B 192 17.59 -15.94 -10.25
C LEU B 192 18.43 -15.57 -11.47
N ASP B 193 18.88 -14.32 -11.56
CA ASP B 193 19.76 -13.86 -12.63
C ASP B 193 20.96 -14.80 -12.69
N LEU B 194 21.50 -15.15 -11.53
CA LEU B 194 22.63 -16.04 -11.41
C LEU B 194 22.23 -17.50 -11.57
N THR B 195 21.29 -17.97 -10.73
CA THR B 195 20.99 -19.40 -10.62
C THR B 195 20.39 -20.00 -11.91
N HIS B 196 19.74 -19.19 -12.74
CA HIS B 196 19.22 -19.65 -14.01
C HIS B 196 20.32 -20.07 -15.02
N GLN B 197 21.56 -19.69 -14.73
CA GLN B 197 22.71 -20.19 -15.47
C GLN B 197 23.24 -21.54 -14.98
N ALA B 198 22.80 -22.01 -13.81
CA ALA B 198 23.35 -23.23 -13.22
C ALA B 198 22.57 -24.43 -13.75
N LEU B 199 22.74 -24.71 -15.04
CA LEU B 199 21.85 -25.61 -15.77
C LEU B 199 22.32 -27.06 -15.65
N CYS B 200 21.38 -27.96 -15.39
CA CYS B 200 21.65 -29.38 -15.22
C CYS B 200 21.66 -30.08 -16.59
N THR B 201 22.72 -29.85 -17.37
CA THR B 201 22.77 -30.39 -18.73
C THR B 201 23.05 -31.90 -18.71
N PRO B 202 22.69 -32.61 -19.80
CA PRO B 202 23.00 -34.05 -19.85
C PRO B 202 24.44 -34.41 -19.55
N GLU B 203 25.39 -33.59 -20.00
CA GLU B 203 26.82 -33.85 -19.83
C GLU B 203 27.30 -33.76 -18.39
N VAL B 204 26.81 -32.72 -17.68
CA VAL B 204 27.01 -32.57 -16.25
C VAL B 204 26.49 -33.79 -15.51
N GLN B 205 25.23 -34.14 -15.78
CA GLN B 205 24.59 -35.23 -15.06
C GLN B 205 25.29 -36.56 -15.35
N ALA B 206 25.75 -36.76 -16.60
CA ALA B 206 26.52 -37.98 -16.93
C ALA B 206 27.81 -38.06 -16.15
N ARG B 207 28.50 -36.92 -15.95
CA ARG B 207 29.72 -36.93 -15.13
C ARG B 207 29.41 -37.27 -13.65
N ILE B 208 28.30 -36.76 -13.14
CA ILE B 208 27.85 -37.13 -11.80
C ILE B 208 27.52 -38.62 -11.72
N ASP B 209 26.76 -39.12 -12.69
CA ASP B 209 26.36 -40.55 -12.71
C ASP B 209 27.59 -41.47 -12.66
N ALA B 210 28.66 -41.08 -13.37
CA ALA B 210 29.89 -41.89 -13.47
C ALA B 210 30.67 -42.04 -12.16
N ILE B 211 30.43 -41.17 -11.18
CA ILE B 211 31.06 -41.31 -9.87
C ILE B 211 30.71 -42.65 -9.24
N GLY B 212 29.47 -43.10 -9.45
CA GLY B 212 29.06 -44.46 -9.12
C GLY B 212 28.90 -44.83 -7.67
N THR B 213 28.52 -43.86 -6.82
CA THR B 213 28.28 -44.11 -5.41
C THR B 213 26.80 -43.89 -5.07
N PRO B 214 26.36 -44.32 -3.88
CA PRO B 214 25.02 -43.96 -3.42
C PRO B 214 24.75 -42.44 -3.43
N LEU B 215 25.72 -41.65 -2.97
CA LEU B 215 25.57 -40.19 -2.94
C LEU B 215 25.47 -39.57 -4.32
N SER B 216 26.26 -40.06 -5.28
CA SER B 216 26.22 -39.52 -6.62
C SER B 216 24.87 -39.87 -7.26
N ALA B 217 24.39 -41.10 -7.02
CA ALA B 217 23.04 -41.48 -7.44
C ALA B 217 21.97 -40.59 -6.80
N PHE B 218 22.15 -40.30 -5.51
CA PHE B 218 21.26 -39.33 -4.80
C PHE B 218 21.26 -37.95 -5.48
N ALA B 219 22.45 -37.41 -5.76
CA ALA B 219 22.56 -36.12 -6.45
C ALA B 219 21.92 -36.13 -7.84
N SER B 220 22.18 -37.19 -8.60
CA SER B 220 21.52 -37.38 -9.88
C SER B 220 19.99 -37.50 -9.76
N GLY B 221 19.52 -38.14 -8.69
CA GLY B 221 18.07 -38.16 -8.38
C GLY B 221 17.49 -36.79 -8.09
N LEU B 222 18.26 -35.94 -7.40
CA LEU B 222 17.82 -34.56 -7.16
C LEU B 222 17.63 -33.83 -8.49
N MET B 223 18.54 -34.09 -9.42
CA MET B 223 18.54 -33.48 -10.74
C MET B 223 17.39 -33.99 -11.60
N ASP B 224 17.06 -35.27 -11.47
CA ASP B 224 15.82 -35.81 -12.08
C ASP B 224 14.57 -35.07 -11.55
N PHE B 225 14.52 -34.80 -10.24
CA PHE B 225 13.43 -33.99 -9.71
C PHE B 225 13.36 -32.57 -10.29
N PHE B 226 14.50 -31.90 -10.43
CA PHE B 226 14.55 -30.54 -10.98
C PHE B 226 13.92 -30.52 -12.37
N ARG B 227 14.30 -31.51 -13.17
CA ARG B 227 13.78 -31.68 -14.53
C ARG B 227 12.25 -31.86 -14.53
N LYS B 228 11.76 -32.73 -13.64
CA LYS B 228 10.32 -32.90 -13.46
C LYS B 228 9.67 -31.57 -13.03
N ALA B 229 10.24 -30.89 -12.04
CA ALA B 229 9.65 -29.63 -11.59
C ALA B 229 9.57 -28.58 -12.71
N TYR B 230 10.53 -28.59 -13.62
CA TYR B 230 10.61 -27.59 -14.68
C TYR B 230 10.04 -28.06 -16.03
N LYS B 231 9.37 -29.21 -16.06
CA LYS B 231 8.97 -29.85 -17.33
C LYS B 231 8.06 -28.98 -18.22
N ASN B 232 7.17 -28.21 -17.61
CA ASN B 232 6.31 -27.28 -18.36
C ASN B 232 6.86 -25.86 -18.51
N ASN B 233 8.11 -25.64 -18.08
CA ASN B 233 8.72 -24.31 -18.15
C ASN B 233 9.58 -24.24 -19.41
N GLN B 234 9.06 -23.51 -20.40
CA GLN B 234 9.65 -23.41 -21.72
C GLN B 234 10.87 -22.48 -21.79
N ASP B 235 11.19 -21.77 -20.72
CA ASP B 235 12.46 -21.06 -20.65
C ASP B 235 13.64 -21.99 -20.41
N PHE B 236 13.39 -23.28 -20.12
CA PHE B 236 14.46 -24.23 -19.77
C PHE B 236 14.36 -25.54 -20.54
N ILE B 237 15.37 -25.81 -21.37
CA ILE B 237 15.60 -27.14 -21.91
C ILE B 237 16.11 -28.07 -20.79
N ASP B 238 17.04 -27.57 -19.99
CA ASP B 238 17.53 -28.25 -18.81
C ASP B 238 17.23 -27.37 -17.59
N PRO B 239 16.93 -27.98 -16.44
CA PRO B 239 16.52 -27.18 -15.28
C PRO B 239 17.70 -26.54 -14.56
N PRO B 240 17.45 -25.39 -13.90
CA PRO B 240 18.48 -24.81 -13.06
C PRO B 240 18.50 -25.45 -11.69
N VAL B 241 19.63 -25.32 -10.99
CA VAL B 241 19.71 -25.65 -9.56
C VAL B 241 20.09 -24.36 -8.84
N HIS B 242 19.44 -24.07 -7.71
CA HIS B 242 19.54 -22.74 -7.09
C HIS B 242 20.50 -22.71 -5.90
N ASP B 243 20.04 -23.23 -4.77
CA ASP B 243 20.69 -23.06 -3.46
C ASP B 243 22.20 -23.32 -3.38
N PRO B 244 22.71 -24.38 -4.03
CA PRO B 244 24.18 -24.59 -3.90
C PRO B 244 25.07 -23.50 -4.49
N CYS B 245 24.54 -22.62 -5.35
CA CYS B 245 25.29 -21.47 -5.84
C CYS B 245 25.80 -20.55 -4.73
N THR B 246 25.10 -20.51 -3.59
CA THR B 246 25.55 -19.73 -2.42
C THR B 246 26.85 -20.28 -1.89
N VAL B 247 26.89 -21.60 -1.69
CA VAL B 247 28.11 -22.25 -1.19
C VAL B 247 29.23 -22.16 -2.24
N ALA B 248 28.89 -22.29 -3.52
CA ALA B 248 29.88 -22.16 -4.61
C ALA B 248 30.58 -20.79 -4.57
N TYR B 249 29.81 -19.71 -4.39
CA TYR B 249 30.36 -18.37 -4.22
C TYR B 249 31.37 -18.31 -3.09
N LEU B 250 31.03 -18.87 -1.94
CA LEU B 250 31.94 -18.87 -0.79
C LEU B 250 33.21 -19.71 -1.01
N ILE B 251 33.11 -20.81 -1.74
CA ILE B 251 34.28 -21.61 -2.06
C ILE B 251 35.25 -20.82 -2.95
N ASP B 252 34.72 -20.14 -3.97
CA ASP B 252 35.54 -19.50 -4.98
C ASP B 252 34.74 -18.34 -5.61
N HIS B 253 35.07 -17.11 -5.23
CA HIS B 253 34.39 -15.90 -5.73
C HIS B 253 34.36 -15.79 -7.25
N SER B 254 35.38 -16.32 -7.93
CA SER B 254 35.40 -16.33 -9.40
C SER B 254 34.26 -17.17 -10.04
N VAL B 255 33.66 -18.08 -9.27
CA VAL B 255 32.54 -18.89 -9.79
C VAL B 255 31.25 -18.08 -9.89
N VAL B 256 31.09 -17.11 -8.99
CA VAL B 256 29.88 -16.29 -8.92
C VAL B 256 30.30 -14.84 -8.83
N GLN B 257 30.33 -14.18 -9.99
CA GLN B 257 30.63 -12.75 -10.04
C GLN B 257 29.50 -11.99 -9.38
N THR B 258 29.86 -10.81 -8.86
CA THR B 258 28.96 -9.97 -8.10
C THR B 258 29.11 -8.51 -8.50
N ARG B 259 28.05 -7.76 -8.25
CA ARG B 259 28.04 -6.33 -8.54
C ARG B 259 27.40 -5.61 -7.35
N ARG B 260 28.16 -4.74 -6.68
CA ARG B 260 27.61 -3.96 -5.55
C ARG B 260 26.53 -3.00 -6.03
N CYS B 261 25.44 -2.93 -5.27
CA CYS B 261 24.37 -1.96 -5.54
C CYS B 261 23.46 -1.91 -4.33
N PRO B 262 22.74 -0.79 -4.14
CA PRO B 262 21.72 -0.82 -3.09
C PRO B 262 20.65 -1.83 -3.44
N VAL B 263 20.20 -2.62 -2.45
CA VAL B 263 19.09 -3.54 -2.64
C VAL B 263 18.12 -3.40 -1.48
N ASP B 264 16.84 -3.27 -1.80
CA ASP B 264 15.78 -3.20 -0.80
C ASP B 264 14.66 -4.13 -1.28
N VAL B 265 13.71 -4.41 -0.39
CA VAL B 265 12.61 -5.33 -0.66
C VAL B 265 11.28 -4.58 -0.66
N GLU B 266 10.51 -4.73 -1.74
CA GLU B 266 9.20 -4.14 -1.82
C GLU B 266 8.18 -4.95 -1.00
N ILE B 267 7.60 -4.34 0.02
CA ILE B 267 6.61 -5.01 0.88
C ILE B 267 5.20 -4.43 0.81
N LYS B 268 4.98 -3.39 -0.01
CA LYS B 268 3.65 -2.76 -0.11
C LYS B 268 2.97 -2.86 -1.47
N GLY B 269 3.71 -3.13 -2.52
CA GLY B 269 3.18 -3.13 -3.87
C GLY B 269 2.20 -4.29 -4.18
N ASP B 270 1.29 -4.01 -5.12
CA ASP B 270 0.33 -4.96 -5.64
C ASP B 270 1.08 -5.93 -6.56
N LEU B 271 1.60 -5.38 -7.64
CA LEU B 271 2.22 -6.15 -8.69
C LEU B 271 3.62 -6.59 -8.29
N THR B 272 4.27 -5.82 -7.41
CA THR B 272 5.70 -5.92 -7.19
C THR B 272 6.07 -6.50 -5.82
N LEU B 273 5.09 -7.11 -5.15
CA LEU B 273 5.29 -7.65 -3.80
C LEU B 273 6.45 -8.65 -3.80
N GLY B 274 7.37 -8.47 -2.87
CA GLY B 274 8.54 -9.35 -2.74
C GLY B 274 9.69 -9.07 -3.71
N MET B 275 9.57 -8.05 -4.56
CA MET B 275 10.67 -7.69 -5.45
C MET B 275 11.91 -7.22 -4.69
N THR B 276 13.06 -7.78 -5.03
CA THR B 276 14.33 -7.25 -4.60
C THR B 276 14.72 -6.18 -5.59
N VAL B 277 14.57 -4.91 -5.16
CA VAL B 277 14.80 -3.73 -5.98
C VAL B 277 16.28 -3.34 -5.93
N ALA B 278 16.99 -3.60 -7.02
CA ALA B 278 18.42 -3.32 -7.10
C ALA B 278 18.62 -2.04 -7.87
N ASP B 279 19.31 -1.09 -7.28
CA ASP B 279 19.56 0.21 -7.93
C ASP B 279 20.84 0.08 -8.75
N LEU B 280 20.68 -0.15 -10.05
CA LEU B 280 21.81 -0.31 -10.97
C LEU B 280 22.16 0.99 -11.73
N ARG B 281 21.61 2.12 -11.31
CA ARG B 281 21.93 3.41 -11.93
C ARG B 281 23.30 3.87 -11.45
N GLY B 282 24.09 4.45 -12.36
CA GLY B 282 25.43 4.93 -12.02
C GLY B 282 26.45 3.81 -11.90
N PRO B 283 27.71 4.17 -11.63
CA PRO B 283 28.76 3.17 -11.53
C PRO B 283 28.67 2.35 -10.23
N GLU B 284 29.38 1.24 -10.20
CA GLU B 284 29.43 0.39 -9.03
C GLU B 284 30.01 1.14 -7.82
N PRO B 285 29.24 1.30 -6.73
CA PRO B 285 29.81 1.92 -5.53
C PRO B 285 30.78 0.98 -4.80
N SER B 286 31.57 1.57 -3.92
CA SER B 286 32.62 0.82 -3.20
C SER B 286 32.01 0.01 -2.07
N ALA B 287 32.75 -0.98 -1.60
CA ALA B 287 32.31 -1.82 -0.47
C ALA B 287 32.05 -1.00 0.80
N ASP B 288 32.89 0.01 1.01
CA ASP B 288 32.72 1.03 2.06
C ASP B 288 31.33 1.66 2.05
N LYS B 289 30.86 2.03 0.86
CA LYS B 289 29.60 2.74 0.70
C LYS B 289 28.35 1.86 0.53
N CYS B 290 28.54 0.59 0.17
CA CYS B 290 27.44 -0.27 -0.22
C CYS B 290 27.63 -1.69 0.30
N HIS B 291 26.82 -2.03 1.30
CA HIS B 291 26.94 -3.33 2.01
C HIS B 291 26.35 -4.52 1.24
N THR B 292 25.58 -4.26 0.18
CA THR B 292 24.87 -5.28 -0.60
C THR B 292 25.43 -5.42 -2.02
N GLN B 293 25.41 -6.64 -2.54
CA GLN B 293 25.78 -6.93 -3.92
C GLN B 293 24.93 -8.08 -4.46
N VAL B 294 24.70 -8.06 -5.78
CA VAL B 294 23.92 -9.06 -6.45
C VAL B 294 24.83 -9.96 -7.26
N ALA B 295 24.50 -11.24 -7.33
CA ALA B 295 25.23 -12.19 -8.14
C ALA B 295 24.79 -12.03 -9.60
N THR B 296 25.76 -12.02 -10.52
CA THR B 296 25.53 -11.72 -11.93
C THR B 296 25.85 -12.92 -12.83
N LYS B 297 27.12 -13.28 -12.94
CA LYS B 297 27.61 -14.25 -13.92
C LYS B 297 28.19 -15.50 -13.24
N LEU B 298 27.71 -16.66 -13.67
CA LEU B 298 28.20 -17.96 -13.21
C LEU B 298 29.31 -18.47 -14.12
N ASP B 299 30.35 -19.03 -13.54
CA ASP B 299 31.30 -19.83 -14.29
C ASP B 299 30.77 -21.28 -14.28
N PHE B 300 30.01 -21.60 -15.34
CA PHE B 300 29.31 -22.88 -15.46
C PHE B 300 30.22 -24.07 -15.20
N ASN B 301 31.34 -24.09 -15.91
CA ASN B 301 32.32 -25.17 -15.82
C ASN B 301 32.92 -25.35 -14.43
N LYS B 302 33.32 -24.26 -13.78
CA LYS B 302 33.87 -24.34 -12.43
C LYS B 302 32.81 -24.72 -11.40
N PHE B 303 31.60 -24.21 -11.58
CA PHE B 303 30.51 -24.54 -10.67
C PHE B 303 30.28 -26.05 -10.65
N TRP B 304 30.12 -26.66 -11.81
CA TRP B 304 29.85 -28.09 -11.87
C TRP B 304 31.04 -28.95 -11.42
N ASP B 305 32.25 -28.46 -11.65
CA ASP B 305 33.45 -29.11 -11.08
C ASP B 305 33.45 -29.15 -9.55
N LEU B 306 32.98 -28.08 -8.91
CA LEU B 306 32.83 -28.05 -7.45
C LEU B 306 31.87 -29.09 -6.97
N ILE B 307 30.72 -29.21 -7.63
CA ILE B 307 29.71 -30.21 -7.29
C ILE B 307 30.29 -31.63 -7.43
N ILE B 308 30.88 -31.88 -8.59
CA ILE B 308 31.45 -33.20 -8.88
C ILE B 308 32.56 -33.55 -7.89
N ASP B 309 33.45 -32.60 -7.60
CA ASP B 309 34.54 -32.85 -6.66
C ASP B 309 34.04 -33.12 -5.24
N ALA B 310 33.03 -32.35 -4.79
CA ALA B 310 32.41 -32.59 -3.49
C ALA B 310 31.80 -33.99 -3.40
N LEU B 311 31.09 -34.40 -4.45
CA LEU B 311 30.49 -35.75 -4.46
C LEU B 311 31.56 -36.85 -4.43
N LYS B 312 32.66 -36.66 -5.15
CA LYS B 312 33.78 -37.60 -5.10
C LYS B 312 34.40 -37.67 -3.71
N GLU B 313 34.61 -36.50 -3.08
CA GLU B 313 35.21 -36.42 -1.74
C GLU B 313 34.38 -37.12 -0.68
N LEU B 314 33.06 -37.06 -0.80
CA LEU B 314 32.17 -37.71 0.18
C LEU B 314 32.18 -39.24 0.14
N LYS B 315 32.55 -39.80 -1.02
CA LYS B 315 32.59 -41.26 -1.23
C LYS B 315 31.26 -41.96 -0.89
N MET C 4 0.76 5.65 -45.43
CA MET C 4 1.42 6.43 -44.35
C MET C 4 0.63 6.43 -43.01
N THR C 5 1.29 6.89 -41.95
CA THR C 5 0.80 6.78 -40.61
C THR C 5 0.35 8.16 -40.16
N THR C 6 -0.87 8.25 -39.66
CA THR C 6 -1.49 9.49 -39.25
C THR C 6 -1.49 9.55 -37.74
N ILE C 7 -0.83 10.58 -37.18
CA ILE C 7 -0.65 10.66 -35.74
C ILE C 7 -1.20 11.91 -35.05
N ILE C 8 -1.48 11.74 -33.76
CA ILE C 8 -1.65 12.83 -32.83
C ILE C 8 -0.47 12.71 -31.89
N LEU C 9 0.27 13.79 -31.75
CA LEU C 9 1.45 13.80 -30.91
C LEU C 9 1.09 14.53 -29.62
N ASP C 10 1.01 13.79 -28.52
CA ASP C 10 0.62 14.32 -27.24
C ASP C 10 1.90 14.40 -26.41
N CYS C 11 2.29 15.62 -26.05
CA CYS C 11 3.66 15.90 -25.66
C CYS C 11 3.79 17.07 -24.70
N ASP C 12 5.01 17.28 -24.21
CA ASP C 12 5.29 18.33 -23.23
C ASP C 12 6.67 18.92 -23.49
N PRO C 13 6.83 19.64 -24.62
CA PRO C 13 8.17 20.08 -24.98
C PRO C 13 8.81 21.08 -24.01
N GLY C 14 9.96 20.78 -23.43
CA GLY C 14 10.71 19.51 -23.57
C GLY C 14 11.56 19.49 -24.83
N HIS C 15 12.86 19.40 -24.65
CA HIS C 15 13.81 19.36 -25.78
C HIS C 15 13.70 18.06 -26.55
N ASP C 16 13.43 16.94 -25.86
CA ASP C 16 13.21 15.64 -26.52
C ASP C 16 11.97 15.69 -27.40
N ASP C 17 10.88 16.25 -26.90
CA ASP C 17 9.64 16.35 -27.68
C ASP C 17 9.85 17.22 -28.91
N ALA C 18 10.62 18.30 -28.76
CA ALA C 18 10.93 19.16 -29.90
C ALA C 18 11.60 18.33 -31.01
N MET C 19 12.52 17.43 -30.65
CA MET C 19 13.16 16.57 -31.66
C MET C 19 12.13 15.63 -32.31
N ALA C 20 11.19 15.10 -31.53
CA ALA C 20 10.10 14.25 -32.07
C ALA C 20 9.21 15.03 -33.05
N ILE C 21 8.92 16.28 -32.73
CA ILE C 21 8.14 17.12 -33.64
C ILE C 21 8.88 17.28 -34.97
N LEU C 22 10.18 17.54 -34.92
CA LEU C 22 10.96 17.73 -36.15
C LEU C 22 10.96 16.45 -37.00
N LEU C 23 11.14 15.29 -36.35
CA LEU C 23 11.12 14.02 -37.08
C LEU C 23 9.76 13.75 -37.72
N ALA C 24 8.68 13.96 -36.95
CA ALA C 24 7.32 13.77 -37.48
C ALA C 24 7.05 14.66 -38.70
N LEU C 25 7.44 15.93 -38.62
CA LEU C 25 7.23 16.87 -39.73
C LEU C 25 8.10 16.56 -40.94
N GLY C 26 9.36 16.19 -40.71
CA GLY C 26 10.34 16.02 -41.77
C GLY C 26 10.26 14.71 -42.55
N ASN C 27 9.65 13.69 -41.96
CA ASN C 27 9.53 12.40 -42.63
C ASN C 27 8.20 12.33 -43.37
N PRO C 28 8.24 12.01 -44.68
CA PRO C 28 6.99 12.03 -45.46
C PRO C 28 6.03 10.85 -45.21
N ASN C 29 6.45 9.85 -44.43
CA ASN C 29 5.57 8.73 -44.07
C ASN C 29 4.73 9.04 -42.84
N ILE C 30 4.91 10.21 -42.24
CA ILE C 30 4.12 10.62 -41.09
C ILE C 30 3.22 11.79 -41.47
N ASP C 31 1.94 11.67 -41.17
CA ASP C 31 0.98 12.76 -41.26
C ASP C 31 0.63 13.21 -39.83
N LEU C 32 1.20 14.34 -39.43
CA LEU C 32 0.91 14.90 -38.11
C LEU C 32 -0.42 15.65 -38.14
N LEU C 33 -1.49 15.05 -37.60
CA LEU C 33 -2.79 15.69 -37.53
C LEU C 33 -2.83 16.89 -36.60
N GLY C 34 -2.09 16.80 -35.51
CA GLY C 34 -2.04 17.87 -34.57
C GLY C 34 -1.28 17.48 -33.33
N VAL C 35 -1.00 18.50 -32.53
CA VAL C 35 -0.22 18.41 -31.31
C VAL C 35 -1.15 18.76 -30.13
N THR C 36 -1.03 17.99 -29.06
CA THR C 36 -1.76 18.22 -27.84
C THR C 36 -0.72 18.23 -26.74
N THR C 37 -0.95 19.04 -25.71
CA THR C 37 0.04 19.24 -24.66
C THR C 37 -0.48 18.90 -23.28
N VAL C 38 0.44 18.51 -22.42
CA VAL C 38 0.12 18.00 -21.08
C VAL C 38 1.14 18.54 -20.07
N GLY C 39 0.62 19.07 -18.96
CA GLY C 39 1.45 19.55 -17.86
C GLY C 39 1.66 18.43 -16.85
N GLY C 40 2.69 18.52 -16.04
CA GLY C 40 2.89 17.57 -14.93
C GLY C 40 4.34 17.29 -14.69
N ASN C 41 5.06 17.15 -15.79
CA ASN C 41 6.50 17.05 -15.77
C ASN C 41 7.07 18.47 -15.73
N GLN C 42 6.52 19.35 -16.57
CA GLN C 42 6.70 20.80 -16.51
C GLN C 42 5.33 21.45 -16.66
N SER C 43 5.25 22.77 -16.50
CA SER C 43 3.96 23.46 -16.47
C SER C 43 3.30 23.45 -17.85
N LEU C 44 1.98 23.25 -17.87
CA LEU C 44 1.20 23.30 -19.13
C LEU C 44 1.50 24.56 -19.95
N GLU C 45 1.55 25.71 -19.28
CA GLU C 45 1.76 26.98 -19.97
C GLU C 45 3.10 27.01 -20.70
N LYS C 46 4.16 26.58 -20.03
CA LYS C 46 5.51 26.54 -20.62
C LYS C 46 5.55 25.60 -21.85
N VAL C 47 5.12 24.35 -21.68
CA VAL C 47 5.23 23.34 -22.75
C VAL C 47 4.30 23.63 -23.93
N THR C 48 3.17 24.26 -23.69
CA THR C 48 2.23 24.62 -24.78
C THR C 48 2.86 25.69 -25.66
N TYR C 49 3.42 26.72 -25.03
CA TYR C 49 4.19 27.73 -25.77
C TYR C 49 5.33 27.10 -26.57
N ASN C 50 6.10 26.23 -25.91
CA ASN C 50 7.24 25.59 -26.55
C ASN C 50 6.83 24.74 -27.77
N ALA C 51 5.70 24.04 -27.69
CA ALA C 51 5.19 23.24 -28.81
C ALA C 51 4.82 24.13 -30.00
N ARG C 52 4.14 25.23 -29.73
CA ARG C 52 3.72 26.17 -30.78
C ARG C 52 4.93 26.85 -31.42
N ALA C 53 5.90 27.25 -30.60
CA ALA C 53 7.11 27.91 -31.08
C ALA C 53 8.02 26.97 -31.88
N THR C 54 8.06 25.69 -31.50
CA THR C 54 8.83 24.68 -32.23
C THR C 54 8.20 24.46 -33.61
N LEU C 55 6.88 24.33 -33.66
CA LEU C 55 6.18 24.22 -34.93
C LEU C 55 6.43 25.45 -35.82
N GLU C 56 6.41 26.64 -35.21
CA GLU C 56 6.72 27.88 -35.94
C GLU C 56 8.14 27.81 -36.53
N MET C 57 9.12 27.39 -35.73
CA MET C 57 10.51 27.23 -36.16
C MET C 57 10.62 26.32 -37.40
N ALA C 58 9.79 25.28 -37.46
CA ALA C 58 9.78 24.36 -38.58
C ALA C 58 8.79 24.74 -39.69
N HIS C 59 8.30 25.98 -39.70
CA HIS C 59 7.35 26.48 -40.70
C HIS C 59 6.10 25.59 -40.83
N ALA C 60 5.63 25.06 -39.71
CA ALA C 60 4.47 24.18 -39.67
C ALA C 60 3.32 24.89 -38.95
N THR C 61 2.99 26.07 -39.46
CA THR C 61 1.92 26.92 -38.95
C THR C 61 0.52 26.38 -39.29
N ASN C 62 0.43 25.38 -40.17
CA ASN C 62 -0.81 24.66 -40.42
C ASN C 62 -1.17 23.58 -39.40
N ILE C 63 -0.29 23.28 -38.44
CA ILE C 63 -0.52 22.18 -37.49
C ILE C 63 -1.25 22.70 -36.24
N PRO C 64 -2.44 22.16 -35.94
CA PRO C 64 -3.14 22.59 -34.72
C PRO C 64 -2.40 22.21 -33.44
N VAL C 65 -2.52 23.08 -32.44
CA VAL C 65 -2.10 22.79 -31.08
C VAL C 65 -3.28 23.01 -30.15
N HIS C 66 -3.57 22.01 -29.32
CA HIS C 66 -4.55 22.14 -28.25
C HIS C 66 -3.91 21.83 -26.91
N ALA C 67 -4.17 22.69 -25.92
CA ALA C 67 -3.67 22.50 -24.57
C ALA C 67 -4.58 21.56 -23.83
N GLY C 68 -3.99 20.63 -23.08
CA GLY C 68 -4.75 19.65 -22.32
C GLY C 68 -4.69 19.86 -20.80
N CYS C 69 -4.57 18.75 -20.08
CA CYS C 69 -4.57 18.73 -18.63
C CYS C 69 -3.30 19.35 -18.06
N ASP C 70 -3.46 20.06 -16.92
CA ASP C 70 -2.33 20.79 -16.32
C ASP C 70 -1.73 20.08 -15.11
N ARG C 71 -2.30 18.92 -14.75
CA ARG C 71 -1.82 18.19 -13.56
C ARG C 71 -2.23 16.75 -13.66
N PRO C 72 -1.64 15.86 -12.84
CA PRO C 72 -2.04 14.47 -12.86
C PRO C 72 -3.50 14.21 -12.44
N MET C 73 -4.04 13.06 -12.82
CA MET C 73 -5.40 12.67 -12.44
C MET C 73 -5.62 12.72 -10.95
N ILE C 74 -4.75 12.07 -10.20
CA ILE C 74 -4.90 11.92 -8.76
C ILE C 74 -3.84 12.58 -7.92
N ARG C 75 -2.58 12.36 -8.24
CA ARG C 75 -1.53 12.84 -7.33
C ARG C 75 -1.21 14.29 -7.59
N PRO C 76 -0.55 14.96 -6.62
CA PRO C 76 -0.44 16.40 -6.74
C PRO C 76 0.55 16.83 -7.79
N LEU C 77 0.32 18.03 -8.30
CA LEU C 77 1.19 18.68 -9.26
C LEU C 77 2.50 19.03 -8.59
N GLU C 78 3.61 18.60 -9.21
CA GLU C 78 4.98 18.88 -8.72
C GLU C 78 5.86 19.47 -9.85
N VAL C 79 5.64 20.74 -10.21
CA VAL C 79 6.36 21.37 -11.37
C VAL C 79 7.14 22.61 -10.98
N GLY C 88 10.23 29.58 -23.24
CA GLY C 88 10.96 28.94 -24.31
C GLY C 88 11.74 27.71 -23.86
N LEU C 89 12.56 27.19 -24.75
CA LEU C 89 13.37 26.02 -24.46
C LEU C 89 14.76 26.54 -24.12
N ASP C 90 15.28 26.08 -23.00
CA ASP C 90 16.60 26.45 -22.52
C ASP C 90 17.68 26.18 -23.58
N GLY C 91 18.58 27.13 -23.82
CA GLY C 91 19.74 26.92 -24.69
C GLY C 91 19.52 27.07 -26.19
N VAL C 92 18.29 27.36 -26.59
CA VAL C 92 17.95 27.68 -27.98
C VAL C 92 17.03 28.90 -27.98
N THR C 93 16.85 29.48 -29.18
CA THR C 93 15.95 30.61 -29.38
C THR C 93 14.87 30.19 -30.35
N LEU C 94 13.62 30.53 -30.02
CA LEU C 94 12.49 30.14 -30.81
C LEU C 94 11.74 31.37 -31.27
N PRO C 95 11.25 31.37 -32.53
CA PRO C 95 10.40 32.50 -32.96
C PRO C 95 9.08 32.51 -32.20
N GLU C 96 8.46 33.67 -32.08
CA GLU C 96 7.12 33.78 -31.50
C GLU C 96 6.13 33.08 -32.44
N PRO C 97 5.19 32.28 -31.90
CA PRO C 97 4.24 31.61 -32.80
C PRO C 97 3.35 32.61 -33.53
N THR C 98 3.13 32.39 -34.80
CA THR C 98 2.21 33.25 -35.58
C THR C 98 0.79 32.71 -35.54
N ARG C 99 0.63 31.39 -35.37
CA ARG C 99 -0.69 30.78 -35.25
C ARG C 99 -1.17 30.81 -33.80
N PRO C 100 -2.37 31.38 -33.56
CA PRO C 100 -2.86 31.37 -32.17
C PRO C 100 -3.14 29.93 -31.68
N LEU C 101 -3.04 29.72 -30.37
CA LEU C 101 -3.44 28.45 -29.77
C LEU C 101 -4.85 28.11 -30.21
N ASP C 102 -5.08 26.90 -30.71
CA ASP C 102 -6.43 26.52 -31.16
C ASP C 102 -7.34 26.33 -29.94
N GLU C 103 -8.60 26.66 -30.11
CA GLU C 103 -9.54 26.63 -28.99
C GLU C 103 -10.02 25.22 -28.71
N GLY C 104 -10.28 24.94 -27.45
CA GLY C 104 -10.86 23.68 -27.02
C GLY C 104 -9.81 22.88 -26.27
N HIS C 105 -10.29 22.07 -25.32
CA HIS C 105 -9.40 21.21 -24.54
C HIS C 105 -8.88 20.07 -25.42
N ALA C 106 -7.60 19.75 -25.27
CA ALA C 106 -6.99 18.65 -26.02
C ALA C 106 -7.76 17.35 -25.88
N VAL C 107 -8.25 17.05 -24.68
CA VAL C 107 -8.99 15.80 -24.45
C VAL C 107 -10.23 15.74 -25.35
N ASN C 108 -11.00 16.83 -25.40
CA ASN C 108 -12.16 16.86 -26.30
C ASN C 108 -11.76 16.82 -27.79
N TRP C 109 -10.66 17.50 -28.15
CA TRP C 109 -10.16 17.47 -29.53
C TRP C 109 -9.71 16.06 -29.93
N ILE C 110 -8.97 15.37 -29.05
CA ILE C 110 -8.56 14.00 -29.31
C ILE C 110 -9.79 13.13 -29.55
N ILE C 111 -10.81 13.27 -28.68
CA ILE C 111 -12.04 12.50 -28.81
C ILE C 111 -12.76 12.84 -30.12
N ASP C 112 -12.99 14.11 -30.41
CA ASP C 112 -13.75 14.50 -31.61
C ASP C 112 -13.03 14.03 -32.87
N THR C 113 -11.71 14.15 -32.88
CA THR C 113 -10.88 13.72 -34.01
C THR C 113 -10.98 12.22 -34.26
N ILE C 114 -10.84 11.42 -33.21
CA ILE C 114 -10.91 9.97 -33.35
C ILE C 114 -12.32 9.52 -33.78
N MET C 115 -13.36 10.15 -33.22
CA MET C 115 -14.73 9.80 -33.56
C MET C 115 -15.14 10.24 -34.98
N SER C 116 -14.55 11.31 -35.50
CA SER C 116 -14.88 11.82 -36.83
C SER C 116 -14.05 11.22 -37.96
N HIS C 117 -12.93 10.57 -37.66
CA HIS C 117 -12.10 9.94 -38.69
C HIS C 117 -12.47 8.49 -38.76
N GLU C 118 -12.10 7.84 -39.86
CA GLU C 118 -12.44 6.41 -40.06
C GLU C 118 -11.71 5.57 -38.99
N PRO C 119 -12.34 4.47 -38.53
CA PRO C 119 -11.70 3.65 -37.50
C PRO C 119 -10.40 3.03 -38.02
N GLY C 120 -9.46 2.77 -37.12
CA GLY C 120 -8.19 2.16 -37.49
C GLY C 120 -7.21 3.03 -38.26
N THR C 121 -7.40 4.36 -38.26
CA THR C 121 -6.53 5.26 -39.01
C THR C 121 -5.60 6.15 -38.16
N ILE C 122 -5.98 6.45 -36.92
CA ILE C 122 -5.20 7.35 -36.08
C ILE C 122 -4.34 6.58 -35.08
N THR C 123 -3.07 6.96 -35.01
CA THR C 123 -2.11 6.41 -34.05
C THR C 123 -1.83 7.50 -33.02
N LEU C 124 -2.02 7.20 -31.74
CA LEU C 124 -1.70 8.15 -30.67
C LEU C 124 -0.24 7.97 -30.28
N VAL C 125 0.48 9.09 -30.16
CA VAL C 125 1.89 9.10 -29.83
C VAL C 125 2.11 10.00 -28.62
N PRO C 126 1.97 9.41 -27.40
CA PRO C 126 2.21 10.17 -26.18
C PRO C 126 3.68 10.17 -25.81
N THR C 127 4.24 11.35 -25.56
CA THR C 127 5.64 11.45 -25.16
C THR C 127 5.82 12.25 -23.86
N GLY C 128 4.73 12.43 -23.12
CA GLY C 128 4.73 13.05 -21.81
C GLY C 128 3.97 12.13 -20.86
N PRO C 129 3.59 12.65 -19.68
CA PRO C 129 2.68 11.88 -18.82
C PRO C 129 1.40 11.54 -19.58
N LEU C 130 0.73 10.49 -19.14
CA LEU C 130 -0.36 9.93 -19.93
C LEU C 130 -1.74 10.48 -19.60
N THR C 131 -1.77 11.59 -18.87
CA THR C 131 -3.00 12.19 -18.35
C THR C 131 -4.10 12.49 -19.39
N ASN C 132 -3.75 13.12 -20.50
CA ASN C 132 -4.74 13.43 -21.56
C ASN C 132 -5.30 12.15 -22.15
N ILE C 133 -4.46 11.15 -22.31
CA ILE C 133 -4.88 9.91 -22.96
C ILE C 133 -5.87 9.17 -22.04
N ALA C 134 -5.51 9.01 -20.77
CA ALA C 134 -6.38 8.42 -19.76
C ALA C 134 -7.73 9.16 -19.64
N MET C 135 -7.68 10.48 -19.58
CA MET C 135 -8.89 11.28 -19.50
C MET C 135 -9.81 11.09 -20.74
N ALA C 136 -9.22 11.04 -21.92
CA ALA C 136 -9.97 10.84 -23.17
C ALA C 136 -10.67 9.49 -23.19
N VAL C 137 -9.95 8.46 -22.78
CA VAL C 137 -10.47 7.12 -22.65
C VAL C 137 -11.70 7.05 -21.74
N ARG C 138 -11.61 7.70 -20.58
CA ARG C 138 -12.72 7.66 -19.61
C ARG C 138 -13.90 8.52 -20.06
N LEU C 139 -13.62 9.64 -20.70
CA LEU C 139 -14.68 10.53 -21.18
C LEU C 139 -15.40 9.96 -22.41
N GLU C 140 -14.70 9.21 -23.25
CA GLU C 140 -15.30 8.56 -24.41
C GLU C 140 -14.70 7.15 -24.61
N PRO C 141 -15.27 6.14 -23.96
CA PRO C 141 -14.75 4.78 -24.13
C PRO C 141 -14.76 4.24 -25.57
N ARG C 142 -15.58 4.79 -26.45
CA ARG C 142 -15.61 4.36 -27.83
C ARG C 142 -14.36 4.69 -28.63
N ILE C 143 -13.47 5.56 -28.13
CA ILE C 143 -12.21 5.80 -28.85
C ILE C 143 -11.27 4.61 -28.89
N VAL C 144 -11.35 3.74 -27.88
CA VAL C 144 -10.31 2.73 -27.67
C VAL C 144 -10.21 1.74 -28.84
N SER C 145 -11.34 1.18 -29.26
CA SER C 145 -11.34 0.21 -30.36
C SER C 145 -11.08 0.91 -31.71
N ARG C 146 -11.30 2.22 -31.78
CA ARG C 146 -11.08 2.97 -33.03
C ARG C 146 -9.62 3.34 -33.30
N VAL C 147 -8.80 3.41 -32.26
CA VAL C 147 -7.41 3.82 -32.37
C VAL C 147 -6.63 2.67 -32.98
N LYS C 148 -5.75 2.99 -33.91
CA LYS C 148 -4.93 1.98 -34.58
C LYS C 148 -3.90 1.39 -33.61
N GLU C 149 -3.20 2.28 -32.90
CA GLU C 149 -2.09 1.88 -32.01
C GLU C 149 -1.74 3.07 -31.11
N VAL C 150 -1.19 2.77 -29.94
CA VAL C 150 -0.61 3.80 -29.08
C VAL C 150 0.87 3.48 -29.01
N VAL C 151 1.72 4.44 -29.35
CA VAL C 151 3.17 4.29 -29.26
C VAL C 151 3.66 5.40 -28.35
N LEU C 152 4.02 5.03 -27.12
CA LEU C 152 4.32 6.02 -26.10
C LEU C 152 5.78 5.97 -25.68
N MET C 153 6.35 7.12 -25.34
CA MET C 153 7.68 7.18 -24.71
C MET C 153 7.45 7.24 -23.22
N GLY C 154 7.90 6.20 -22.55
CA GLY C 154 7.69 6.05 -21.16
C GLY C 154 8.08 4.66 -20.71
N GLY C 155 8.34 4.56 -19.43
CA GLY C 155 8.61 3.29 -18.78
C GLY C 155 9.99 2.73 -18.99
N GLY C 156 10.09 1.47 -18.64
CA GLY C 156 11.32 0.73 -18.72
C GLY C 156 11.11 -0.61 -18.06
N TYR C 157 11.45 -1.68 -18.77
CA TYR C 157 11.26 -3.02 -18.20
C TYR C 157 12.40 -3.43 -17.26
N HIS C 158 13.66 -3.12 -17.61
CA HIS C 158 14.83 -3.41 -16.74
C HIS C 158 15.69 -2.17 -16.39
N VAL C 159 15.15 -0.97 -16.63
CA VAL C 159 15.88 0.28 -16.40
C VAL C 159 14.91 1.32 -15.84
N GLY C 160 15.35 2.05 -14.81
CA GLY C 160 14.63 3.25 -14.32
C GLY C 160 15.56 4.45 -14.41
N ASN C 161 15.00 5.66 -14.33
CA ASN C 161 15.82 6.87 -14.20
C ASN C 161 15.43 7.68 -12.96
N TRP C 162 14.17 8.07 -12.84
CA TRP C 162 13.67 8.74 -11.63
C TRP C 162 13.91 7.90 -10.37
N SER C 163 13.70 6.58 -10.47
CA SER C 163 14.04 5.64 -9.40
C SER C 163 14.82 4.49 -10.01
N ALA C 164 15.21 3.54 -9.17
CA ALA C 164 15.86 2.31 -9.64
C ALA C 164 15.04 1.55 -10.70
N VAL C 165 13.72 1.64 -10.60
CA VAL C 165 12.82 0.86 -11.46
C VAL C 165 11.81 1.64 -12.29
N ALA C 166 11.65 2.95 -12.03
CA ALA C 166 10.61 3.71 -12.70
C ALA C 166 11.14 4.90 -13.47
N GLU C 167 10.35 5.30 -14.47
CA GLU C 167 10.68 6.36 -15.41
C GLU C 167 9.75 7.57 -15.22
N PHE C 168 10.25 8.76 -15.57
CA PHE C 168 9.58 10.03 -15.24
C PHE C 168 8.14 10.17 -15.76
N ASN C 169 7.92 9.96 -17.07
CA ASN C 169 6.59 10.12 -17.65
C ASN C 169 5.53 9.26 -16.96
N ILE C 170 5.89 8.03 -16.63
CA ILE C 170 4.96 7.13 -15.95
C ILE C 170 4.75 7.59 -14.51
N LYS C 171 5.82 7.89 -13.80
CA LYS C 171 5.72 8.22 -12.37
C LYS C 171 4.98 9.52 -12.10
N VAL C 172 5.05 10.48 -13.02
CA VAL C 172 4.30 11.73 -12.87
C VAL C 172 2.82 11.48 -12.70
N ASP C 173 2.28 10.51 -13.45
CA ASP C 173 0.87 10.15 -13.35
C ASP C 173 0.71 8.64 -13.53
N PRO C 174 1.02 7.89 -12.47
CA PRO C 174 0.95 6.43 -12.55
C PRO C 174 -0.47 5.91 -12.78
N GLU C 175 -1.46 6.60 -12.22
CA GLU C 175 -2.85 6.24 -12.39
C GLU C 175 -3.27 6.37 -13.84
N ALA C 176 -2.88 7.46 -14.49
CA ALA C 176 -3.22 7.64 -15.91
C ALA C 176 -2.54 6.57 -16.75
N ALA C 177 -1.28 6.26 -16.42
CA ALA C 177 -0.58 5.18 -17.09
C ALA C 177 -1.29 3.82 -16.91
N HIS C 178 -1.77 3.55 -15.70
CA HIS C 178 -2.55 2.34 -15.40
C HIS C 178 -3.78 2.24 -16.31
N VAL C 179 -4.50 3.35 -16.46
CA VAL C 179 -5.65 3.40 -17.36
C VAL C 179 -5.24 2.98 -18.78
N VAL C 180 -4.20 3.62 -19.30
CA VAL C 180 -3.79 3.43 -20.69
C VAL C 180 -3.37 1.99 -20.92
N PHE C 181 -2.55 1.46 -20.03
CA PHE C 181 -2.05 0.09 -20.22
C PHE C 181 -3.11 -1.00 -20.06
N ASN C 182 -4.22 -0.68 -19.41
CA ASN C 182 -5.28 -1.67 -19.17
C ASN C 182 -6.50 -1.53 -20.09
N GLU C 183 -6.38 -0.74 -21.15
CA GLU C 183 -7.40 -0.72 -22.21
C GLU C 183 -7.01 -1.68 -23.32
N ASP C 184 -8.01 -2.20 -24.02
CA ASP C 184 -7.78 -3.17 -25.09
C ASP C 184 -7.48 -2.46 -26.40
N TRP C 185 -6.30 -1.85 -26.48
CA TRP C 185 -5.76 -1.27 -27.71
C TRP C 185 -4.30 -1.66 -27.82
N PRO C 186 -3.77 -1.75 -29.06
CA PRO C 186 -2.37 -2.13 -29.20
C PRO C 186 -1.43 -1.04 -28.71
N ILE C 187 -0.48 -1.41 -27.83
CA ILE C 187 0.45 -0.48 -27.24
C ILE C 187 1.87 -0.97 -27.52
N THR C 188 2.72 -0.03 -27.96
CA THR C 188 4.15 -0.18 -27.99
C THR C 188 4.76 0.77 -26.95
N MET C 189 5.40 0.20 -25.93
CA MET C 189 6.07 0.95 -24.89
C MET C 189 7.54 1.17 -25.28
N VAL C 190 7.86 2.39 -25.66
CA VAL C 190 9.24 2.77 -26.03
C VAL C 190 9.88 3.31 -24.77
N GLY C 191 10.47 2.40 -24.01
CA GLY C 191 11.03 2.71 -22.72
C GLY C 191 12.51 3.01 -22.71
N LEU C 192 13.05 3.18 -21.50
CA LEU C 192 14.45 3.53 -21.32
C LEU C 192 15.44 2.47 -21.84
N ASP C 193 15.02 1.21 -21.79
CA ASP C 193 15.81 0.09 -22.35
C ASP C 193 16.18 0.43 -23.78
N LEU C 194 15.21 0.97 -24.54
CA LEU C 194 15.39 1.35 -25.91
C LEU C 194 16.10 2.69 -26.03
N THR C 195 15.54 3.74 -25.42
CA THR C 195 16.00 5.12 -25.64
C THR C 195 17.43 5.37 -25.18
N HIS C 196 17.91 4.61 -24.19
CA HIS C 196 19.28 4.74 -23.73
C HIS C 196 20.33 4.32 -24.78
N GLN C 197 19.88 3.64 -25.84
CA GLN C 197 20.72 3.37 -27.01
C GLN C 197 20.77 4.53 -28.02
N ALA C 198 19.89 5.51 -27.90
CA ALA C 198 19.78 6.57 -28.91
C ALA C 198 20.76 7.70 -28.55
N LEU C 199 22.04 7.40 -28.66
CA LEU C 199 23.08 8.23 -28.08
C LEU C 199 23.51 9.34 -29.03
N CYS C 200 23.62 10.57 -28.48
CA CYS C 200 23.96 11.75 -29.24
C CYS C 200 25.50 11.89 -29.31
N THR C 201 26.13 11.05 -30.12
CA THR C 201 27.59 11.02 -30.22
C THR C 201 28.13 12.23 -30.97
N PRO C 202 29.41 12.56 -30.75
CA PRO C 202 30.01 13.69 -31.50
C PRO C 202 29.82 13.59 -33.02
N GLU C 203 29.91 12.37 -33.58
CA GLU C 203 29.80 12.16 -35.03
C GLU C 203 28.39 12.42 -35.57
N VAL C 204 27.37 11.98 -34.83
CA VAL C 204 25.96 12.31 -35.10
C VAL C 204 25.78 13.82 -35.13
N GLN C 205 26.22 14.47 -34.07
CA GLN C 205 26.04 15.93 -33.96
C GLN C 205 26.79 16.68 -35.07
N ALA C 206 27.98 16.20 -35.42
CA ALA C 206 28.74 16.79 -36.55
C ALA C 206 27.99 16.68 -37.86
N ARG C 207 27.32 15.52 -38.10
CA ARG C 207 26.51 15.37 -39.30
C ARG C 207 25.31 16.34 -39.33
N ILE C 208 24.69 16.52 -38.15
CA ILE C 208 23.62 17.50 -38.03
C ILE C 208 24.14 18.91 -38.27
N ASP C 209 25.25 19.27 -37.63
CA ASP C 209 25.85 20.61 -37.80
C ASP C 209 26.10 20.95 -39.26
N ALA C 210 26.57 19.96 -40.03
CA ALA C 210 26.89 20.15 -41.46
C ALA C 210 25.73 20.48 -42.36
N ILE C 211 24.51 20.19 -41.93
CA ILE C 211 23.32 20.55 -42.71
C ILE C 211 23.27 22.08 -42.94
N GLY C 212 23.69 22.84 -41.93
CA GLY C 212 23.92 24.27 -42.06
C GLY C 212 22.72 25.19 -42.21
N THR C 213 21.58 24.81 -41.62
CA THR C 213 20.38 25.62 -41.64
C THR C 213 20.02 26.10 -40.23
N PRO C 214 19.10 27.08 -40.12
CA PRO C 214 18.57 27.43 -38.80
C PRO C 214 17.99 26.22 -38.04
N LEU C 215 17.23 25.36 -38.73
CA LEU C 215 16.65 24.17 -38.09
C LEU C 215 17.70 23.17 -37.60
N SER C 216 18.76 22.95 -38.38
CA SER C 216 19.81 22.02 -37.96
C SER C 216 20.55 22.60 -36.77
N ALA C 217 20.79 23.90 -36.78
CA ALA C 217 21.36 24.59 -35.60
C ALA C 217 20.42 24.45 -34.37
N PHE C 218 19.12 24.59 -34.60
CA PHE C 218 18.11 24.34 -33.53
C PHE C 218 18.24 22.89 -32.97
N ALA C 219 18.28 21.91 -33.85
CA ALA C 219 18.44 20.51 -33.44
C ALA C 219 19.75 20.26 -32.68
N SER C 220 20.84 20.81 -33.18
CA SER C 220 22.12 20.77 -32.50
C SER C 220 22.07 21.46 -31.11
N GLY C 221 21.32 22.55 -31.01
CA GLY C 221 21.05 23.19 -29.71
C GLY C 221 20.29 22.28 -28.74
N LEU C 222 19.33 21.52 -29.26
CA LEU C 222 18.60 20.54 -28.43
C LEU C 222 19.57 19.52 -27.86
N MET C 223 20.52 19.10 -28.69
CA MET C 223 21.53 18.12 -28.34
C MET C 223 22.53 18.66 -27.34
N ASP C 224 22.89 19.94 -27.46
CA ASP C 224 23.66 20.61 -26.40
C ASP C 224 22.94 20.58 -25.05
N PHE C 225 21.62 20.82 -25.06
CA PHE C 225 20.86 20.69 -23.82
C PHE C 225 20.85 19.30 -23.22
N PHE C 226 20.69 18.26 -24.06
CA PHE C 226 20.71 16.86 -23.57
C PHE C 226 22.01 16.59 -22.83
N ARG C 227 23.12 17.02 -23.44
CA ARG C 227 24.45 16.86 -22.86
C ARG C 227 24.56 17.57 -21.50
N LYS C 228 24.08 18.80 -21.44
CA LYS C 228 24.04 19.53 -20.17
C LYS C 228 23.17 18.81 -19.15
N ALA C 229 21.98 18.36 -19.55
CA ALA C 229 21.11 17.65 -18.60
C ALA C 229 21.76 16.39 -18.05
N TYR C 230 22.58 15.72 -18.86
CA TYR C 230 23.18 14.44 -18.46
C TYR C 230 24.62 14.57 -17.97
N LYS C 231 25.11 15.79 -17.74
CA LYS C 231 26.57 16.02 -17.50
C LYS C 231 27.08 15.32 -16.25
N ASN C 232 26.26 15.20 -15.21
CA ASN C 232 26.66 14.47 -13.99
C ASN C 232 26.24 13.00 -13.98
N ASN C 233 25.70 12.49 -15.09
CA ASN C 233 25.28 11.10 -15.18
C ASN C 233 26.39 10.27 -15.81
N GLN C 234 27.05 9.50 -14.97
CA GLN C 234 28.23 8.70 -15.35
C GLN C 234 27.90 7.43 -16.14
N ASP C 235 26.62 7.08 -16.29
CA ASP C 235 26.23 6.03 -17.21
C ASP C 235 26.31 6.48 -18.68
N PHE C 236 26.54 7.78 -18.93
CA PHE C 236 26.54 8.32 -20.29
C PHE C 236 27.72 9.23 -20.56
N ILE C 237 28.57 8.81 -21.49
CA ILE C 237 29.56 9.70 -22.10
C ILE C 237 28.82 10.70 -23.02
N ASP C 238 27.89 10.18 -23.80
CA ASP C 238 27.01 10.99 -24.63
C ASP C 238 25.57 10.77 -24.19
N PRO C 239 24.75 11.83 -24.22
CA PRO C 239 23.39 11.72 -23.70
C PRO C 239 22.45 10.99 -24.66
N PRO C 240 21.40 10.34 -24.12
CA PRO C 240 20.37 9.77 -24.96
C PRO C 240 19.34 10.82 -25.36
N VAL C 241 18.63 10.55 -26.43
CA VAL C 241 17.41 11.31 -26.80
C VAL C 241 16.25 10.32 -26.77
N HIS C 242 15.12 10.73 -26.19
CA HIS C 242 14.04 9.77 -25.88
C HIS C 242 12.89 9.82 -26.89
N ASP C 243 12.06 10.84 -26.77
CA ASP C 243 10.76 10.95 -27.45
C ASP C 243 10.74 10.63 -28.95
N PRO C 244 11.71 11.10 -29.75
CA PRO C 244 11.61 10.80 -31.20
C PRO C 244 11.71 9.32 -31.58
N CYS C 245 12.21 8.46 -30.68
CA CYS C 245 12.20 7.02 -30.92
C CYS C 245 10.81 6.45 -31.18
N THR C 246 9.75 7.07 -30.63
CA THR C 246 8.38 6.66 -30.90
C THR C 246 8.04 6.84 -32.37
N VAL C 247 8.34 8.02 -32.89
CA VAL C 247 8.07 8.32 -34.30
C VAL C 247 8.97 7.46 -35.20
N ALA C 248 10.22 7.23 -34.79
CA ALA C 248 11.16 6.36 -35.55
C ALA C 248 10.58 4.94 -35.73
N TYR C 249 10.03 4.37 -34.65
CA TYR C 249 9.34 3.07 -34.71
C TYR C 249 8.24 3.06 -35.76
N LEU C 250 7.40 4.09 -35.75
CA LEU C 250 6.32 4.18 -36.74
C LEU C 250 6.80 4.36 -38.19
N ILE C 251 7.89 5.07 -38.40
CA ILE C 251 8.46 5.21 -39.73
C ILE C 251 8.95 3.85 -40.25
N ASP C 252 9.64 3.09 -39.42
CA ASP C 252 10.30 1.85 -39.84
C ASP C 252 10.46 0.94 -38.62
N HIS C 253 9.63 -0.11 -38.55
CA HIS C 253 9.66 -1.08 -37.43
C HIS C 253 11.03 -1.70 -37.18
N SER C 254 11.82 -1.88 -38.24
CA SER C 254 13.18 -2.42 -38.10
C SER C 254 14.12 -1.53 -37.26
N VAL C 255 13.79 -0.23 -37.12
CA VAL C 255 14.60 0.69 -36.31
C VAL C 255 14.43 0.43 -34.82
N VAL C 256 13.24 0.00 -34.43
CA VAL C 256 12.90 -0.23 -33.02
C VAL C 256 12.26 -1.62 -32.90
N GLN C 257 13.09 -2.61 -32.57
CA GLN C 257 12.60 -3.95 -32.33
C GLN C 257 11.73 -3.96 -31.09
N THR C 258 10.80 -4.90 -31.05
CA THR C 258 9.82 -5.03 -29.99
C THR C 258 9.66 -6.47 -29.53
N ARG C 259 9.20 -6.62 -28.32
CA ARG C 259 8.92 -7.94 -27.76
C ARG C 259 7.57 -7.88 -27.04
N ARG C 260 6.60 -8.66 -27.51
CA ARG C 260 5.28 -8.72 -26.85
C ARG C 260 5.40 -9.32 -25.45
N CYS C 261 4.70 -8.71 -24.49
CA CYS C 261 4.64 -9.24 -23.14
C CYS C 261 3.53 -8.49 -22.39
N PRO C 262 2.97 -9.12 -21.35
CA PRO C 262 2.04 -8.36 -20.52
C PRO C 262 2.79 -7.20 -19.86
N VAL C 263 2.18 -6.02 -19.83
CA VAL C 263 2.73 -4.87 -19.12
C VAL C 263 1.63 -4.22 -18.31
N ASP C 264 1.91 -3.96 -17.02
CA ASP C 264 0.98 -3.26 -16.16
C ASP C 264 1.82 -2.23 -15.39
N VAL C 265 1.15 -1.31 -14.69
CA VAL C 265 1.78 -0.23 -13.98
C VAL C 265 1.54 -0.37 -12.49
N GLU C 266 2.62 -0.35 -11.71
CA GLU C 266 2.52 -0.40 -10.25
C GLU C 266 2.11 0.97 -9.71
N ILE C 267 0.95 1.04 -9.05
CA ILE C 267 0.44 2.29 -8.48
C ILE C 267 0.34 2.29 -6.96
N LYS C 268 0.73 1.20 -6.29
CA LYS C 268 0.63 1.11 -4.81
C LYS C 268 1.94 0.97 -4.07
N GLY C 269 3.00 0.58 -4.75
CA GLY C 269 4.27 0.29 -4.11
C GLY C 269 5.03 1.51 -3.56
N ASP C 270 5.82 1.25 -2.53
CA ASP C 270 6.71 2.22 -1.91
C ASP C 270 7.88 2.46 -2.87
N LEU C 271 8.68 1.41 -3.04
CA LEU C 271 9.91 1.46 -3.79
C LEU C 271 9.64 1.46 -5.28
N THR C 272 8.52 0.88 -5.69
CA THR C 272 8.30 0.50 -7.08
C THR C 272 7.24 1.36 -7.76
N LEU C 273 6.87 2.47 -7.14
CA LEU C 273 5.81 3.35 -7.67
C LEU C 273 6.15 3.77 -9.08
N GLY C 274 5.18 3.62 -9.98
CA GLY C 274 5.37 4.00 -11.38
C GLY C 274 6.10 3.00 -12.26
N MET C 275 6.51 1.86 -11.69
CA MET C 275 7.18 0.83 -12.50
C MET C 275 6.23 0.26 -13.56
N THR C 276 6.72 0.17 -14.79
CA THR C 276 6.06 -0.61 -15.82
C THR C 276 6.58 -2.03 -15.68
N VAL C 277 5.72 -2.90 -15.15
CA VAL C 277 6.05 -4.30 -14.85
C VAL C 277 5.81 -5.15 -16.08
N ALA C 278 6.90 -5.59 -16.72
CA ALA C 278 6.81 -6.40 -17.94
C ALA C 278 7.05 -7.85 -17.56
N ASP C 279 6.09 -8.71 -17.91
CA ASP C 279 6.22 -10.14 -17.62
C ASP C 279 6.97 -10.80 -18.77
N LEU C 280 8.27 -11.02 -18.56
CA LEU C 280 9.13 -11.63 -19.58
C LEU C 280 9.35 -13.14 -19.36
N ARG C 281 8.55 -13.76 -18.49
CA ARG C 281 8.65 -15.20 -18.25
C ARG C 281 7.98 -15.93 -19.39
N GLY C 282 8.57 -17.05 -19.82
CA GLY C 282 8.03 -17.83 -20.93
C GLY C 282 8.27 -17.22 -22.30
N PRO C 283 7.82 -17.89 -23.36
CA PRO C 283 8.07 -17.41 -24.72
C PRO C 283 7.19 -16.21 -25.07
N GLU C 284 7.56 -15.51 -26.13
CA GLU C 284 6.80 -14.38 -26.60
C GLU C 284 5.38 -14.79 -27.02
N PRO C 285 4.34 -14.25 -26.37
CA PRO C 285 2.98 -14.56 -26.82
C PRO C 285 2.62 -13.85 -28.14
N SER C 286 1.56 -14.32 -28.76
CA SER C 286 1.12 -13.79 -30.06
C SER C 286 0.41 -12.47 -29.89
N ALA C 287 0.33 -11.71 -30.99
CA ALA C 287 -0.38 -10.43 -30.99
C ALA C 287 -1.84 -10.57 -30.62
N ASP C 288 -2.46 -11.67 -31.07
CA ASP C 288 -3.80 -12.09 -30.67
C ASP C 288 -4.01 -12.13 -29.16
N LYS C 289 -3.03 -12.70 -28.45
CA LYS C 289 -3.13 -12.92 -27.00
C LYS C 289 -2.59 -11.77 -26.14
N CYS C 290 -1.80 -10.87 -26.72
CA CYS C 290 -1.07 -9.89 -25.95
C CYS C 290 -1.00 -8.56 -26.67
N HIS C 291 -1.76 -7.59 -26.17
CA HIS C 291 -1.93 -6.28 -26.82
C HIS C 291 -0.76 -5.31 -26.62
N THR C 292 0.15 -5.64 -25.69
CA THR C 292 1.26 -4.78 -25.31
C THR C 292 2.62 -5.38 -25.71
N GLN C 293 3.55 -4.50 -26.05
CA GLN C 293 4.93 -4.91 -26.38
C GLN C 293 5.89 -3.81 -25.95
N VAL C 294 7.11 -4.23 -25.60
CA VAL C 294 8.13 -3.30 -25.15
C VAL C 294 9.18 -3.17 -26.23
N ALA C 295 9.73 -1.98 -26.39
CA ALA C 295 10.82 -1.73 -27.32
C ALA C 295 12.13 -2.24 -26.70
N THR C 296 12.93 -2.94 -27.50
CA THR C 296 14.14 -3.62 -27.03
C THR C 296 15.42 -3.04 -27.63
N LYS C 297 15.60 -3.24 -28.94
CA LYS C 297 16.85 -2.93 -29.65
C LYS C 297 16.65 -1.81 -30.69
N LEU C 298 17.51 -0.80 -30.61
CA LEU C 298 17.55 0.30 -31.56
C LEU C 298 18.57 0.01 -32.66
N ASP C 299 18.20 0.31 -33.90
CA ASP C 299 19.16 0.38 -34.99
C ASP C 299 19.75 1.81 -35.00
N PHE C 300 20.86 1.98 -34.30
CA PHE C 300 21.50 3.28 -34.08
C PHE C 300 21.70 4.03 -35.38
N ASN C 301 22.33 3.36 -36.34
CA ASN C 301 22.63 3.94 -37.64
C ASN C 301 21.39 4.42 -38.43
N LYS C 302 20.37 3.58 -38.49
CA LYS C 302 19.14 3.95 -39.19
C LYS C 302 18.36 5.05 -38.45
N PHE C 303 18.35 4.98 -37.12
CA PHE C 303 17.68 5.98 -36.31
C PHE C 303 18.22 7.37 -36.62
N TRP C 304 19.54 7.53 -36.56
CA TRP C 304 20.14 8.84 -36.78
C TRP C 304 19.98 9.31 -38.22
N ASP C 305 19.99 8.38 -39.18
CA ASP C 305 19.68 8.72 -40.57
C ASP C 305 18.28 9.30 -40.76
N LEU C 306 17.29 8.75 -40.03
CA LEU C 306 15.91 9.29 -40.05
C LEU C 306 15.89 10.73 -39.57
N ILE C 307 16.58 11.00 -38.45
CA ILE C 307 16.65 12.35 -37.88
C ILE C 307 17.31 13.31 -38.88
N ILE C 308 18.47 12.91 -39.40
CA ILE C 308 19.23 13.75 -40.32
C ILE C 308 18.43 14.01 -41.60
N ASP C 309 17.78 12.97 -42.13
CA ASP C 309 16.96 13.14 -43.34
C ASP C 309 15.77 14.08 -43.13
N ALA C 310 15.11 13.94 -41.99
CA ALA C 310 14.01 14.84 -41.63
C ALA C 310 14.48 16.30 -41.53
N LEU C 311 15.62 16.53 -40.90
CA LEU C 311 16.17 17.87 -40.78
C LEU C 311 16.51 18.47 -42.14
N LYS C 312 17.08 17.65 -43.03
CA LYS C 312 17.37 18.11 -44.39
C LYS C 312 16.08 18.44 -45.15
N GLU C 313 15.06 17.58 -45.04
CA GLU C 313 13.79 17.78 -45.74
C GLU C 313 13.08 19.06 -45.31
N LEU C 314 13.20 19.43 -44.05
CA LEU C 314 12.56 20.66 -43.55
C LEU C 314 13.18 21.97 -44.05
N LYS C 315 14.42 21.92 -44.52
CA LYS C 315 15.11 23.09 -45.13
C LYS C 315 15.15 24.28 -44.17
N MET D 4 -33.11 31.44 -3.19
CA MET D 4 -33.09 30.05 -3.71
C MET D 4 -31.71 29.46 -3.85
N THR D 5 -31.63 28.13 -3.78
CA THR D 5 -30.40 27.39 -4.02
C THR D 5 -30.57 26.72 -5.37
N THR D 6 -29.58 26.91 -6.24
CA THR D 6 -29.59 26.39 -7.59
C THR D 6 -28.65 25.21 -7.67
N ILE D 7 -29.18 24.05 -8.04
CA ILE D 7 -28.39 22.81 -7.99
C ILE D 7 -28.26 22.04 -9.30
N ILE D 8 -27.18 21.28 -9.38
CA ILE D 8 -27.04 20.20 -10.34
C ILE D 8 -27.02 18.94 -9.50
N LEU D 9 -27.91 18.02 -9.83
CA LEU D 9 -28.02 16.78 -9.09
C LEU D 9 -27.34 15.68 -9.90
N ASP D 10 -26.22 15.21 -9.40
CA ASP D 10 -25.42 14.20 -10.07
C ASP D 10 -25.65 12.90 -9.31
N CYS D 11 -26.25 11.92 -9.99
CA CYS D 11 -26.92 10.84 -9.29
C CYS D 11 -26.95 9.54 -10.12
N ASP D 12 -27.45 8.48 -9.49
CA ASP D 12 -27.50 7.17 -10.10
C ASP D 12 -28.75 6.43 -9.66
N PRO D 13 -29.94 6.91 -10.08
CA PRO D 13 -31.16 6.33 -9.52
C PRO D 13 -31.39 4.85 -9.88
N GLY D 14 -31.52 3.96 -8.90
CA GLY D 14 -31.39 4.21 -7.47
C GLY D 14 -32.66 4.75 -6.85
N HIS D 15 -33.22 3.99 -5.93
CA HIS D 15 -34.49 4.39 -5.28
C HIS D 15 -34.29 5.58 -4.35
N ASP D 16 -33.13 5.66 -3.69
CA ASP D 16 -32.77 6.82 -2.85
C ASP D 16 -32.67 8.09 -3.68
N ASP D 17 -32.02 8.02 -4.82
CA ASP D 17 -31.87 9.19 -5.69
C ASP D 17 -33.21 9.64 -6.21
N ALA D 18 -34.10 8.70 -6.51
CA ALA D 18 -35.45 9.05 -6.95
C ALA D 18 -36.14 9.90 -5.88
N MET D 19 -35.98 9.55 -4.60
CA MET D 19 -36.57 10.35 -3.52
C MET D 19 -35.94 11.75 -3.47
N ALA D 20 -34.62 11.85 -3.69
CA ALA D 20 -33.95 13.15 -3.75
C ALA D 20 -34.45 14.02 -4.91
N ILE D 21 -34.71 13.41 -6.05
CA ILE D 21 -35.28 14.14 -7.20
C ILE D 21 -36.64 14.72 -6.82
N LEU D 22 -37.49 13.91 -6.17
CA LEU D 22 -38.81 14.40 -5.78
C LEU D 22 -38.73 15.55 -4.80
N LEU D 23 -37.84 15.46 -3.81
CA LEU D 23 -37.66 16.55 -2.84
C LEU D 23 -37.15 17.83 -3.51
N ALA D 24 -36.15 17.70 -4.38
CA ALA D 24 -35.63 18.86 -5.13
C ALA D 24 -36.72 19.54 -5.95
N LEU D 25 -37.52 18.76 -6.67
CA LEU D 25 -38.59 19.33 -7.51
C LEU D 25 -39.73 19.94 -6.69
N GLY D 26 -40.10 19.28 -5.58
CA GLY D 26 -41.26 19.67 -4.79
C GLY D 26 -41.06 20.83 -3.85
N ASN D 27 -39.81 21.13 -3.48
CA ASN D 27 -39.52 22.24 -2.57
C ASN D 27 -39.22 23.49 -3.38
N PRO D 28 -39.94 24.60 -3.10
CA PRO D 28 -39.74 25.80 -3.92
C PRO D 28 -38.44 26.57 -3.66
N ASN D 29 -37.67 26.20 -2.63
CA ASN D 29 -36.38 26.83 -2.37
C ASN D 29 -35.25 26.21 -3.18
N ILE D 30 -35.54 25.17 -3.95
CA ILE D 30 -34.56 24.51 -4.79
C ILE D 30 -34.88 24.76 -6.25
N ASP D 31 -33.89 25.23 -7.00
CA ASP D 31 -33.95 25.35 -8.45
C ASP D 31 -33.05 24.25 -9.05
N LEU D 32 -33.68 23.19 -9.55
CA LEU D 32 -32.95 22.09 -10.18
C LEU D 32 -32.59 22.46 -11.61
N LEU D 33 -31.32 22.83 -11.84
CA LEU D 33 -30.84 23.17 -13.18
C LEU D 33 -30.80 21.98 -14.12
N GLY D 34 -30.48 20.82 -13.59
CA GLY D 34 -30.44 19.62 -14.39
C GLY D 34 -29.90 18.46 -13.62
N VAL D 35 -30.05 17.29 -14.22
CA VAL D 35 -29.65 16.01 -13.66
C VAL D 35 -28.53 15.44 -14.55
N THR D 36 -27.51 14.89 -13.90
CA THR D 36 -26.43 14.21 -14.57
C THR D 36 -26.30 12.86 -13.92
N THR D 37 -25.90 11.86 -14.69
CA THR D 37 -25.87 10.48 -14.20
C THR D 37 -24.51 9.83 -14.31
N VAL D 38 -24.26 8.87 -13.41
CA VAL D 38 -22.96 8.25 -13.25
C VAL D 38 -23.15 6.75 -13.00
N GLY D 39 -22.42 5.92 -13.75
CA GLY D 39 -22.42 4.47 -13.60
C GLY D 39 -21.31 4.08 -12.63
N GLY D 40 -21.40 2.89 -12.05
CA GLY D 40 -20.31 2.38 -11.20
C GLY D 40 -20.84 1.59 -10.04
N ASN D 41 -21.90 2.12 -9.45
CA ASN D 41 -22.65 1.44 -8.42
C ASN D 41 -23.67 0.55 -9.12
N GLN D 42 -24.35 1.10 -10.14
CA GLN D 42 -25.14 0.34 -11.11
C GLN D 42 -24.78 0.84 -12.52
N SER D 43 -25.34 0.21 -13.56
CA SER D 43 -24.95 0.53 -14.93
C SER D 43 -25.45 1.93 -15.32
N LEU D 44 -24.62 2.69 -16.04
CA LEU D 44 -25.01 3.99 -16.57
C LEU D 44 -26.35 3.96 -17.33
N GLU D 45 -26.53 2.95 -18.17
CA GLU D 45 -27.73 2.85 -18.99
C GLU D 45 -28.98 2.73 -18.12
N LYS D 46 -28.94 1.86 -17.11
CA LYS D 46 -30.07 1.66 -16.20
C LYS D 46 -30.43 2.96 -15.44
N VAL D 47 -29.44 3.57 -14.79
CA VAL D 47 -29.69 4.75 -13.94
C VAL D 47 -30.07 6.00 -14.75
N THR D 48 -29.59 6.11 -15.98
CA THR D 48 -29.94 7.25 -16.84
C THR D 48 -31.41 7.17 -17.23
N TYR D 49 -31.85 5.97 -17.65
CA TYR D 49 -33.28 5.74 -17.90
C TYR D 49 -34.13 6.06 -16.66
N ASN D 50 -33.70 5.53 -15.51
CA ASN D 50 -34.44 5.73 -14.26
C ASN D 50 -34.57 7.21 -13.88
N ALA D 51 -33.51 7.99 -14.10
CA ALA D 51 -33.54 9.43 -13.83
C ALA D 51 -34.53 10.16 -14.71
N ARG D 52 -34.52 9.83 -15.99
CA ARG D 52 -35.45 10.46 -16.96
C ARG D 52 -36.90 10.07 -16.65
N ALA D 53 -37.13 8.80 -16.35
CA ALA D 53 -38.48 8.31 -16.05
C ALA D 53 -39.03 8.85 -14.74
N THR D 54 -38.16 9.06 -13.74
CA THR D 54 -38.56 9.66 -12.48
C THR D 54 -38.99 11.12 -12.70
N LEU D 55 -38.18 11.86 -13.44
CA LEU D 55 -38.55 13.24 -13.81
C LEU D 55 -39.88 13.27 -14.58
N GLU D 56 -40.08 12.33 -15.50
CA GLU D 56 -41.36 12.22 -16.23
C GLU D 56 -42.51 11.99 -15.24
N MET D 57 -42.35 11.07 -14.29
CA MET D 57 -43.36 10.79 -13.26
C MET D 57 -43.76 12.06 -12.49
N ALA D 58 -42.81 12.95 -12.25
CA ALA D 58 -43.07 14.21 -11.58
C ALA D 58 -43.42 15.38 -12.51
N HIS D 59 -43.74 15.09 -13.77
CA HIS D 59 -44.06 16.12 -14.78
C HIS D 59 -42.99 17.21 -14.91
N ALA D 60 -41.74 16.80 -14.80
CA ALA D 60 -40.60 17.73 -14.85
C ALA D 60 -39.82 17.47 -16.17
N THR D 61 -40.55 17.56 -17.27
CA THR D 61 -40.05 17.35 -18.63
C THR D 61 -39.19 18.52 -19.13
N ASN D 62 -39.19 19.64 -18.41
CA ASN D 62 -38.29 20.76 -18.68
C ASN D 62 -36.88 20.60 -18.09
N ILE D 63 -36.63 19.56 -17.31
CA ILE D 63 -35.33 19.39 -16.63
C ILE D 63 -34.38 18.55 -17.53
N PRO D 64 -33.22 19.11 -17.90
CA PRO D 64 -32.26 18.34 -18.70
C PRO D 64 -31.68 17.14 -17.94
N VAL D 65 -31.41 16.08 -18.68
CA VAL D 65 -30.64 14.94 -18.19
C VAL D 65 -29.48 14.70 -19.15
N HIS D 66 -28.27 14.60 -18.60
CA HIS D 66 -27.09 14.23 -19.36
C HIS D 66 -26.41 13.02 -18.74
N ALA D 67 -26.06 12.04 -19.57
CA ALA D 67 -25.35 10.86 -19.10
C ALA D 67 -23.87 11.16 -18.99
N GLY D 68 -23.25 10.67 -17.91
CA GLY D 68 -21.83 10.88 -17.68
C GLY D 68 -20.99 9.63 -17.81
N CYS D 69 -20.03 9.51 -16.89
CA CYS D 69 -19.05 8.40 -16.88
C CYS D 69 -19.74 7.09 -16.55
N ASP D 70 -19.27 6.01 -17.18
CA ASP D 70 -19.88 4.69 -17.03
C ASP D 70 -19.07 3.76 -16.11
N ARG D 71 -17.93 4.25 -15.60
CA ARG D 71 -17.06 3.43 -14.76
C ARG D 71 -16.17 4.32 -13.93
N PRO D 72 -15.52 3.75 -12.89
CA PRO D 72 -14.61 4.56 -12.08
C PRO D 72 -13.38 5.08 -12.87
N MET D 73 -12.74 6.13 -12.35
CA MET D 73 -11.52 6.68 -12.96
C MET D 73 -10.45 5.63 -13.17
N ILE D 74 -10.12 4.91 -12.11
CA ILE D 74 -9.01 3.96 -12.12
C ILE D 74 -9.40 2.51 -11.91
N ARG D 75 -10.21 2.22 -10.92
CA ARG D 75 -10.46 0.81 -10.61
C ARG D 75 -11.53 0.23 -11.51
N PRO D 76 -11.58 -1.11 -11.61
CA PRO D 76 -12.45 -1.68 -12.64
C PRO D 76 -13.91 -1.57 -12.29
N LEU D 77 -14.72 -1.57 -13.34
CA LEU D 77 -16.17 -1.55 -13.25
C LEU D 77 -16.66 -2.87 -12.67
N GLU D 78 -17.46 -2.79 -11.62
CA GLU D 78 -18.08 -3.95 -10.94
C GLU D 78 -19.61 -3.79 -10.79
N VAL D 79 -20.36 -3.97 -11.88
CA VAL D 79 -21.84 -3.81 -11.89
C VAL D 79 -22.54 -5.12 -12.27
N GLY D 88 -37.73 1.66 -14.75
CA GLY D 88 -36.69 0.68 -14.45
C GLY D 88 -36.29 0.51 -13.01
N LEU D 89 -37.08 0.99 -12.05
CA LEU D 89 -36.75 0.85 -10.65
C LEU D 89 -37.59 -0.29 -10.14
N ASP D 90 -36.95 -1.23 -9.46
CA ASP D 90 -37.59 -2.40 -8.89
C ASP D 90 -38.76 -2.00 -7.97
N GLY D 91 -39.91 -2.67 -8.12
CA GLY D 91 -41.04 -2.49 -7.20
C GLY D 91 -41.96 -1.30 -7.44
N VAL D 92 -41.65 -0.50 -8.45
CA VAL D 92 -42.50 0.61 -8.88
C VAL D 92 -42.58 0.62 -10.40
N THR D 93 -43.53 1.38 -10.93
CA THR D 93 -43.74 1.48 -12.38
C THR D 93 -43.55 2.93 -12.79
N LEU D 94 -42.80 3.15 -13.86
CA LEU D 94 -42.45 4.48 -14.28
C LEU D 94 -42.94 4.72 -15.70
N PRO D 95 -43.47 5.92 -15.97
CA PRO D 95 -43.88 6.21 -17.37
C PRO D 95 -42.64 6.30 -18.27
N GLU D 96 -42.81 6.05 -19.56
CA GLU D 96 -41.75 6.25 -20.54
C GLU D 96 -41.46 7.75 -20.62
N PRO D 97 -40.16 8.14 -20.65
CA PRO D 97 -39.88 9.57 -20.76
C PRO D 97 -40.36 10.16 -22.08
N THR D 98 -40.96 11.33 -22.04
CA THR D 98 -41.37 12.05 -23.24
C THR D 98 -40.24 12.96 -23.74
N ARG D 99 -39.36 13.43 -22.85
CA ARG D 99 -38.19 14.22 -23.25
C ARG D 99 -37.03 13.31 -23.63
N PRO D 100 -36.47 13.47 -24.84
CA PRO D 100 -35.29 12.65 -25.18
C PRO D 100 -34.09 12.98 -24.28
N LEU D 101 -33.21 12.01 -24.08
CA LEU D 101 -31.93 12.24 -23.36
C LEU D 101 -31.23 13.39 -24.03
N ASP D 102 -30.79 14.39 -23.27
CA ASP D 102 -30.10 15.55 -23.87
C ASP D 102 -28.71 15.11 -24.32
N GLU D 103 -28.24 15.71 -25.41
CA GLU D 103 -26.99 15.26 -26.02
C GLU D 103 -25.81 15.89 -25.29
N GLY D 104 -24.71 15.16 -25.26
CA GLY D 104 -23.46 15.66 -24.72
C GLY D 104 -23.15 14.97 -23.39
N HIS D 105 -21.86 14.87 -23.09
CA HIS D 105 -21.42 14.23 -21.85
C HIS D 105 -21.72 15.12 -20.65
N ALA D 106 -22.18 14.50 -19.57
CA ALA D 106 -22.47 15.24 -18.33
C ALA D 106 -21.30 16.07 -17.87
N VAL D 107 -20.08 15.55 -17.98
CA VAL D 107 -18.89 16.27 -17.52
C VAL D 107 -18.76 17.60 -18.27
N ASN D 108 -18.90 17.56 -19.59
CA ASN D 108 -18.85 18.81 -20.38
C ASN D 108 -20.04 19.74 -20.07
N TRP D 109 -21.22 19.17 -19.85
CA TRP D 109 -22.39 19.97 -19.49
C TRP D 109 -22.20 20.65 -18.12
N ILE D 110 -21.70 19.90 -17.12
CA ILE D 110 -21.42 20.48 -15.82
C ILE D 110 -20.45 21.64 -15.98
N ILE D 111 -19.37 21.45 -16.75
CA ILE D 111 -18.37 22.48 -16.97
C ILE D 111 -19.00 23.70 -17.66
N ASP D 112 -19.69 23.49 -18.78
CA ASP D 112 -20.24 24.61 -19.55
C ASP D 112 -21.23 25.41 -18.70
N THR D 113 -22.06 24.70 -17.94
CA THR D 113 -23.04 25.32 -17.04
C THR D 113 -22.38 26.18 -15.96
N ILE D 114 -21.37 25.66 -15.28
CA ILE D 114 -20.69 26.41 -14.23
C ILE D 114 -19.94 27.63 -14.80
N MET D 115 -19.31 27.45 -15.96
CA MET D 115 -18.57 28.56 -16.59
C MET D 115 -19.50 29.64 -17.18
N SER D 116 -20.71 29.29 -17.58
CA SER D 116 -21.65 30.28 -18.15
C SER D 116 -22.55 30.96 -17.13
N HIS D 117 -22.67 30.43 -15.91
CA HIS D 117 -23.47 31.06 -14.85
C HIS D 117 -22.57 31.90 -14.01
N GLU D 118 -23.15 32.83 -13.25
CA GLU D 118 -22.36 33.72 -12.38
C GLU D 118 -21.64 32.90 -11.30
N PRO D 119 -20.43 33.31 -10.91
CA PRO D 119 -19.72 32.57 -9.86
C PRO D 119 -20.47 32.58 -8.54
N GLY D 120 -20.30 31.53 -7.74
CA GLY D 120 -20.94 31.42 -6.44
C GLY D 120 -22.45 31.17 -6.44
N THR D 121 -23.01 30.73 -7.57
CA THR D 121 -24.46 30.49 -7.65
C THR D 121 -24.89 29.02 -7.74
N ILE D 122 -24.01 28.15 -8.26
CA ILE D 122 -24.37 26.74 -8.44
C ILE D 122 -23.81 25.86 -7.31
N THR D 123 -24.68 25.02 -6.76
CA THR D 123 -24.32 24.03 -5.75
C THR D 123 -24.37 22.66 -6.41
N LEU D 124 -23.27 21.91 -6.33
CA LEU D 124 -23.23 20.54 -6.86
C LEU D 124 -23.72 19.59 -5.78
N VAL D 125 -24.61 18.68 -6.17
CA VAL D 125 -25.20 17.71 -5.25
C VAL D 125 -24.98 16.30 -5.81
N PRO D 126 -23.82 15.69 -5.48
CA PRO D 126 -23.54 14.34 -5.92
C PRO D 126 -24.15 13.33 -4.95
N THR D 127 -24.89 12.36 -5.49
CA THR D 127 -25.48 11.31 -4.66
C THR D 127 -25.14 9.90 -5.16
N GLY D 128 -24.12 9.81 -6.02
CA GLY D 128 -23.58 8.56 -6.51
C GLY D 128 -22.07 8.60 -6.31
N PRO D 129 -21.34 7.69 -6.97
CA PRO D 129 -19.88 7.80 -6.99
C PRO D 129 -19.47 9.14 -7.55
N LEU D 130 -18.28 9.59 -7.21
CA LEU D 130 -17.89 10.98 -7.47
C LEU D 130 -17.18 11.21 -8.81
N THR D 131 -17.24 10.21 -9.68
CA THR D 131 -16.49 10.17 -10.94
C THR D 131 -16.71 11.39 -11.86
N ASN D 132 -17.95 11.79 -12.10
CA ASN D 132 -18.23 12.96 -12.97
C ASN D 132 -17.67 14.23 -12.37
N ILE D 133 -17.74 14.34 -11.04
CA ILE D 133 -17.30 15.56 -10.37
C ILE D 133 -15.76 15.67 -10.48
N ALA D 134 -15.06 14.59 -10.12
CA ALA D 134 -13.61 14.53 -10.27
C ALA D 134 -13.14 14.79 -11.72
N MET D 135 -13.81 14.18 -12.68
CA MET D 135 -13.46 14.37 -14.08
C MET D 135 -13.66 15.85 -14.54
N ALA D 136 -14.74 16.47 -14.09
CA ALA D 136 -15.02 17.88 -14.41
C ALA D 136 -13.95 18.81 -13.85
N VAL D 137 -13.58 18.56 -12.60
CA VAL D 137 -12.52 19.29 -11.94
C VAL D 137 -11.20 19.23 -12.70
N ARG D 138 -10.82 18.04 -13.15
CA ARG D 138 -9.54 17.88 -13.87
C ARG D 138 -9.60 18.44 -15.27
N LEU D 139 -10.75 18.32 -15.94
CA LEU D 139 -10.90 18.86 -17.29
C LEU D 139 -11.00 20.38 -17.32
N GLU D 140 -11.58 20.98 -16.27
CA GLU D 140 -11.66 22.43 -16.15
C GLU D 140 -11.43 22.88 -14.70
N PRO D 141 -10.17 23.09 -14.33
CA PRO D 141 -9.88 23.53 -12.95
C PRO D 141 -10.54 24.85 -12.52
N ARG D 142 -10.93 25.69 -13.47
CA ARG D 142 -11.59 26.94 -13.15
C ARG D 142 -12.99 26.79 -12.57
N ILE D 143 -13.61 25.60 -12.64
CA ILE D 143 -14.91 25.41 -11.99
C ILE D 143 -14.86 25.47 -10.47
N VAL D 144 -13.72 25.11 -9.88
CA VAL D 144 -13.65 24.87 -8.45
C VAL D 144 -13.98 26.11 -7.61
N SER D 145 -13.34 27.23 -7.92
CA SER D 145 -13.60 28.48 -7.15
C SER D 145 -14.97 29.06 -7.50
N ARG D 146 -15.55 28.67 -8.64
CA ARG D 146 -16.86 29.18 -9.04
C ARG D 146 -18.06 28.48 -8.37
N VAL D 147 -17.86 27.25 -7.91
CA VAL D 147 -18.92 26.46 -7.31
C VAL D 147 -19.18 27.00 -5.90
N LYS D 148 -20.45 27.15 -5.56
CA LYS D 148 -20.82 27.68 -4.25
C LYS D 148 -20.49 26.68 -3.14
N GLU D 149 -20.87 25.41 -3.36
CA GLU D 149 -20.74 24.35 -2.36
C GLU D 149 -20.94 23.01 -3.04
N VAL D 150 -20.35 21.96 -2.47
CA VAL D 150 -20.62 20.60 -2.87
C VAL D 150 -21.25 19.93 -1.67
N VAL D 151 -22.44 19.35 -1.86
CA VAL D 151 -23.16 18.64 -0.80
C VAL D 151 -23.38 17.24 -1.32
N LEU D 152 -22.61 16.29 -0.83
CA LEU D 152 -22.60 14.95 -1.39
C LEU D 152 -23.14 13.93 -0.39
N MET D 153 -23.82 12.91 -0.90
CA MET D 153 -24.19 11.73 -0.08
C MET D 153 -23.10 10.71 -0.30
N GLY D 154 -22.40 10.41 0.78
CA GLY D 154 -21.30 9.52 0.74
C GLY D 154 -20.52 9.57 2.04
N GLY D 155 -19.80 8.50 2.28
CA GLY D 155 -18.89 8.41 3.40
C GLY D 155 -19.52 8.10 4.74
N GLY D 156 -18.71 8.31 5.75
CA GLY D 156 -19.11 8.08 7.11
C GLY D 156 -17.88 8.24 7.99
N TYR D 157 -17.99 9.06 9.04
CA TYR D 157 -16.85 9.29 9.91
C TYR D 157 -16.68 8.19 10.96
N HIS D 158 -17.78 7.70 11.54
CA HIS D 158 -17.73 6.57 12.52
C HIS D 158 -18.60 5.36 12.13
N VAL D 159 -19.05 5.30 10.89
CA VAL D 159 -19.95 4.25 10.41
C VAL D 159 -19.57 3.88 8.98
N GLY D 160 -19.49 2.58 8.70
CA GLY D 160 -19.37 2.05 7.33
C GLY D 160 -20.56 1.15 7.02
N ASN D 161 -20.80 0.88 5.74
CA ASN D 161 -21.80 -0.15 5.36
C ASN D 161 -21.16 -1.24 4.47
N TRP D 162 -20.56 -0.85 3.36
CA TRP D 162 -19.81 -1.80 2.51
C TRP D 162 -18.71 -2.52 3.29
N SER D 163 -18.00 -1.78 4.13
CA SER D 163 -17.00 -2.37 5.05
C SER D 163 -17.28 -1.82 6.44
N ALA D 164 -16.48 -2.25 7.41
CA ALA D 164 -16.53 -1.70 8.76
C ALA D 164 -16.38 -0.18 8.82
N VAL D 165 -15.60 0.37 7.89
CA VAL D 165 -15.28 1.80 7.91
C VAL D 165 -15.64 2.61 6.67
N ALA D 166 -16.04 1.95 5.58
CA ALA D 166 -16.27 2.66 4.31
C ALA D 166 -17.67 2.47 3.78
N GLU D 167 -18.08 3.44 2.96
CA GLU D 167 -19.42 3.53 2.39
C GLU D 167 -19.37 3.36 0.86
N PHE D 168 -20.47 2.87 0.28
CA PHE D 168 -20.51 2.42 -1.10
C PHE D 168 -20.10 3.48 -2.15
N ASN D 169 -20.73 4.66 -2.11
CA ASN D 169 -20.44 5.70 -3.11
C ASN D 169 -18.95 6.07 -3.16
N ILE D 170 -18.32 6.16 -1.99
CA ILE D 170 -16.90 6.49 -1.94
C ILE D 170 -16.06 5.31 -2.44
N LYS D 171 -16.37 4.11 -1.98
CA LYS D 171 -15.53 2.94 -2.30
C LYS D 171 -15.59 2.56 -3.78
N VAL D 172 -16.72 2.82 -4.45
CA VAL D 172 -16.83 2.56 -5.89
C VAL D 172 -15.75 3.28 -6.68
N ASP D 173 -15.44 4.52 -6.29
CA ASP D 173 -14.39 5.30 -6.93
C ASP D 173 -13.67 6.15 -5.89
N PRO D 174 -12.78 5.51 -5.13
CA PRO D 174 -12.05 6.21 -4.08
C PRO D 174 -11.13 7.30 -4.61
N GLU D 175 -10.57 7.09 -5.79
CA GLU D 175 -9.69 8.05 -6.44
C GLU D 175 -10.47 9.32 -6.76
N ALA D 176 -11.66 9.17 -7.34
CA ALA D 176 -12.49 10.33 -7.67
C ALA D 176 -12.88 11.08 -6.40
N ALA D 177 -13.22 10.33 -5.35
CA ALA D 177 -13.52 10.94 -4.06
C ALA D 177 -12.32 11.73 -3.51
N HIS D 178 -11.12 11.16 -3.63
CA HIS D 178 -9.88 11.83 -3.23
C HIS D 178 -9.73 13.18 -3.94
N VAL D 179 -9.97 13.19 -5.26
CA VAL D 179 -9.93 14.43 -6.03
C VAL D 179 -10.88 15.47 -5.43
N VAL D 180 -12.13 15.08 -5.22
CA VAL D 180 -13.18 16.00 -4.79
C VAL D 180 -12.84 16.58 -3.43
N PHE D 181 -12.45 15.71 -2.49
CA PHE D 181 -12.17 16.17 -1.13
C PHE D 181 -10.93 17.06 -1.00
N ASN D 182 -10.03 16.99 -1.99
CA ASN D 182 -8.77 17.76 -1.94
C ASN D 182 -8.75 18.99 -2.82
N GLU D 183 -9.91 19.41 -3.34
CA GLU D 183 -10.03 20.71 -4.01
C GLU D 183 -10.48 21.76 -3.01
N ASP D 184 -10.12 23.02 -3.26
CA ASP D 184 -10.46 24.11 -2.36
C ASP D 184 -11.85 24.66 -2.71
N TRP D 185 -12.87 23.87 -2.38
CA TRP D 185 -14.27 24.29 -2.46
C TRP D 185 -14.96 23.81 -1.20
N PRO D 186 -16.03 24.52 -0.77
CA PRO D 186 -16.72 24.08 0.44
C PRO D 186 -17.49 22.77 0.22
N ILE D 187 -17.26 21.80 1.10
CA ILE D 187 -17.89 20.49 1.02
C ILE D 187 -18.63 20.20 2.31
N THR D 188 -19.86 19.70 2.15
CA THR D 188 -20.62 19.06 3.21
C THR D 188 -20.76 17.58 2.87
N MET D 189 -20.17 16.72 3.72
CA MET D 189 -20.25 15.29 3.57
C MET D 189 -21.44 14.76 4.37
N VAL D 190 -22.49 14.38 3.67
CA VAL D 190 -23.70 13.81 4.29
C VAL D 190 -23.51 12.31 4.29
N GLY D 191 -22.89 11.82 5.36
CA GLY D 191 -22.52 10.42 5.46
C GLY D 191 -23.53 9.55 6.20
N LEU D 192 -23.13 8.30 6.40
CA LEU D 192 -23.99 7.32 7.05
C LEU D 192 -24.34 7.67 8.50
N ASP D 193 -23.45 8.36 9.18
CA ASP D 193 -23.71 8.85 10.55
C ASP D 193 -25.02 9.62 10.57
N LEU D 194 -25.21 10.44 9.54
CA LEU D 194 -26.41 11.24 9.39
C LEU D 194 -27.58 10.42 8.84
N THR D 195 -27.38 9.81 7.67
CA THR D 195 -28.48 9.18 6.93
C THR D 195 -29.12 7.98 7.66
N HIS D 196 -28.36 7.32 8.54
CA HIS D 196 -28.90 6.23 9.34
C HIS D 196 -29.98 6.68 10.35
N GLN D 197 -30.08 7.99 10.59
CA GLN D 197 -31.17 8.56 11.35
C GLN D 197 -32.45 8.82 10.53
N ALA D 198 -32.36 8.77 9.20
CA ALA D 198 -33.50 9.14 8.34
C ALA D 198 -34.37 7.89 8.13
N LEU D 199 -35.03 7.47 9.20
CA LEU D 199 -35.66 6.15 9.25
C LEU D 199 -37.08 6.19 8.71
N CYS D 200 -37.40 5.22 7.86
CA CYS D 200 -38.70 5.12 7.20
C CYS D 200 -39.68 4.37 8.11
N THR D 201 -40.14 5.03 9.15
CA THR D 201 -41.03 4.39 10.14
C THR D 201 -42.43 4.18 9.59
N PRO D 202 -43.19 3.25 10.18
CA PRO D 202 -44.58 3.05 9.71
C PRO D 202 -45.41 4.33 9.70
N GLU D 203 -45.20 5.22 10.69
CA GLU D 203 -45.95 6.47 10.78
C GLU D 203 -45.65 7.47 9.66
N VAL D 204 -44.38 7.60 9.32
CA VAL D 204 -43.92 8.35 8.14
C VAL D 204 -44.59 7.85 6.88
N GLN D 205 -44.48 6.53 6.66
CA GLN D 205 -45.04 5.92 5.45
C GLN D 205 -46.57 6.09 5.39
N ALA D 206 -47.24 5.95 6.54
CA ALA D 206 -48.71 6.17 6.59
C ALA D 206 -49.07 7.60 6.21
N ARG D 207 -48.27 8.59 6.66
CA ARG D 207 -48.54 9.98 6.27
C ARG D 207 -48.35 10.19 4.74
N ILE D 208 -47.33 9.55 4.19
CA ILE D 208 -47.12 9.60 2.74
C ILE D 208 -48.28 8.91 2.01
N ASP D 209 -48.67 7.72 2.45
CA ASP D 209 -49.77 6.98 1.82
C ASP D 209 -51.06 7.81 1.75
N ALA D 210 -51.34 8.57 2.82
CA ALA D 210 -52.56 9.40 2.92
C ALA D 210 -52.66 10.54 1.91
N ILE D 211 -51.53 10.95 1.33
CA ILE D 211 -51.54 11.99 0.31
C ILE D 211 -52.42 11.57 -0.87
N GLY D 212 -52.39 10.28 -1.20
CA GLY D 212 -53.32 9.67 -2.13
C GLY D 212 -53.19 10.02 -3.61
N THR D 213 -51.98 10.30 -4.07
CA THR D 213 -51.73 10.60 -5.49
C THR D 213 -50.84 9.50 -6.11
N PRO D 214 -50.76 9.47 -7.45
CA PRO D 214 -49.76 8.59 -8.09
C PRO D 214 -48.33 8.80 -7.56
N LEU D 215 -47.90 10.06 -7.38
CA LEU D 215 -46.57 10.36 -6.88
C LEU D 215 -46.34 9.87 -5.44
N SER D 216 -47.34 10.02 -4.58
CA SER D 216 -47.20 9.56 -3.20
C SER D 216 -47.14 8.05 -3.17
N ALA D 217 -47.94 7.40 -3.99
CA ALA D 217 -47.84 5.93 -4.17
C ALA D 217 -46.43 5.54 -4.69
N PHE D 218 -45.91 6.30 -5.63
CA PHE D 218 -44.51 6.09 -6.12
C PHE D 218 -43.49 6.20 -4.96
N ALA D 219 -43.59 7.28 -4.17
CA ALA D 219 -42.72 7.44 -3.01
C ALA D 219 -42.83 6.32 -1.99
N SER D 220 -44.06 5.92 -1.68
CA SER D 220 -44.32 4.77 -0.82
C SER D 220 -43.75 3.47 -1.40
N GLY D 221 -43.80 3.31 -2.72
CA GLY D 221 -43.11 2.20 -3.40
C GLY D 221 -41.59 2.21 -3.21
N LEU D 222 -41.00 3.39 -3.24
CA LEU D 222 -39.55 3.54 -3.00
C LEU D 222 -39.22 3.05 -1.59
N MET D 223 -40.09 3.40 -0.65
CA MET D 223 -39.94 3.03 0.76
C MET D 223 -40.13 1.55 0.99
N ASP D 224 -41.06 0.93 0.25
CA ASP D 224 -41.14 -0.54 0.24
C ASP D 224 -39.83 -1.19 -0.23
N PHE D 225 -39.21 -0.63 -1.27
CA PHE D 225 -37.91 -1.14 -1.70
C PHE D 225 -36.81 -1.02 -0.64
N PHE D 226 -36.75 0.13 0.05
CA PHE D 226 -35.74 0.34 1.11
C PHE D 226 -35.85 -0.76 2.16
N ARG D 227 -37.10 -1.03 2.56
CA ARG D 227 -37.38 -2.08 3.54
C ARG D 227 -36.91 -3.45 3.06
N LYS D 228 -37.22 -3.78 1.81
CA LYS D 228 -36.74 -5.02 1.21
C LYS D 228 -35.21 -5.05 1.18
N ALA D 229 -34.57 -3.97 0.74
CA ALA D 229 -33.10 -3.96 0.70
C ALA D 229 -32.47 -4.17 2.08
N TYR D 230 -33.13 -3.69 3.13
CA TYR D 230 -32.58 -3.76 4.50
C TYR D 230 -33.14 -4.92 5.33
N LYS D 231 -33.88 -5.85 4.71
CA LYS D 231 -34.65 -6.85 5.47
C LYS D 231 -33.78 -7.78 6.32
N ASN D 232 -32.57 -8.09 5.88
CA ASN D 232 -31.63 -8.90 6.67
C ASN D 232 -30.66 -8.09 7.53
N ASN D 233 -30.84 -6.77 7.59
CA ASN D 233 -29.93 -5.89 8.35
C ASN D 233 -30.55 -5.61 9.72
N GLN D 234 -29.97 -6.26 10.73
CA GLN D 234 -30.48 -6.22 12.10
C GLN D 234 -30.17 -4.92 12.85
N ASP D 235 -29.38 -4.03 12.27
CA ASP D 235 -29.24 -2.67 12.83
C ASP D 235 -30.47 -1.81 12.56
N PHE D 236 -31.42 -2.28 11.74
CA PHE D 236 -32.58 -1.49 11.33
C PHE D 236 -33.89 -2.25 11.45
N ILE D 237 -34.76 -1.79 12.33
CA ILE D 237 -36.16 -2.18 12.33
C ILE D 237 -36.86 -1.56 11.10
N ASP D 238 -36.58 -0.28 10.87
CA ASP D 238 -37.04 0.43 9.68
C ASP D 238 -35.82 0.90 8.90
N PRO D 239 -35.92 0.92 7.56
CA PRO D 239 -34.74 1.25 6.75
C PRO D 239 -34.46 2.73 6.69
N PRO D 240 -33.19 3.11 6.48
CA PRO D 240 -32.86 4.50 6.25
C PRO D 240 -33.08 4.88 4.81
N VAL D 241 -33.23 6.18 4.55
CA VAL D 241 -33.15 6.72 3.18
C VAL D 241 -31.97 7.70 3.16
N HIS D 242 -31.15 7.65 2.12
CA HIS D 242 -29.86 8.36 2.12
C HIS D 242 -29.89 9.68 1.36
N ASP D 243 -29.86 9.58 0.03
CA ASP D 243 -29.62 10.70 -0.88
C ASP D 243 -30.42 11.99 -0.64
N PRO D 244 -31.74 11.89 -0.34
CA PRO D 244 -32.48 13.16 -0.15
C PRO D 244 -32.04 14.02 1.03
N CYS D 245 -31.30 13.45 2.00
CA CYS D 245 -30.72 14.25 3.08
C CYS D 245 -29.83 15.39 2.61
N THR D 246 -29.18 15.22 1.44
CA THR D 246 -28.36 16.29 0.85
C THR D 246 -29.22 17.50 0.52
N VAL D 247 -30.33 17.25 -0.17
CA VAL D 247 -31.26 18.34 -0.55
C VAL D 247 -31.91 18.93 0.70
N ALA D 248 -32.25 18.09 1.69
CA ALA D 248 -32.81 18.56 2.96
C ALA D 248 -31.89 19.58 3.66
N TYR D 249 -30.59 19.28 3.71
CA TYR D 249 -29.58 20.21 4.24
C TYR D 249 -29.64 21.56 3.55
N LEU D 250 -29.69 21.55 2.22
CA LEU D 250 -29.75 22.80 1.46
C LEU D 250 -31.06 23.59 1.67
N ILE D 251 -32.18 22.89 1.85
CA ILE D 251 -33.43 23.56 2.15
C ILE D 251 -33.37 24.27 3.50
N ASP D 252 -32.83 23.60 4.51
CA ASP D 252 -32.85 24.12 5.89
C ASP D 252 -31.68 23.51 6.66
N HIS D 253 -30.63 24.30 6.90
CA HIS D 253 -29.43 23.84 7.62
C HIS D 253 -29.73 23.24 8.99
N SER D 254 -30.79 23.72 9.67
CA SER D 254 -31.19 23.17 10.97
C SER D 254 -31.64 21.69 10.89
N VAL D 255 -32.01 21.21 9.71
CA VAL D 255 -32.41 19.81 9.54
C VAL D 255 -31.21 18.86 9.59
N VAL D 256 -30.06 19.33 9.14
CA VAL D 256 -28.84 18.54 9.06
C VAL D 256 -27.71 19.34 9.68
N GLN D 257 -27.46 19.08 10.97
CA GLN D 257 -26.36 19.73 11.67
C GLN D 257 -25.05 19.21 11.06
N THR D 258 -24.02 20.04 11.17
CA THR D 258 -22.71 19.79 10.61
C THR D 258 -21.61 20.15 11.58
N ARG D 259 -20.47 19.51 11.39
CA ARG D 259 -19.30 19.79 12.21
C ARG D 259 -18.10 19.90 11.27
N ARG D 260 -17.45 21.07 11.22
CA ARG D 260 -16.25 21.24 10.40
C ARG D 260 -15.11 20.39 10.91
N CYS D 261 -14.39 19.74 9.98
CA CYS D 261 -13.21 18.97 10.31
C CYS D 261 -12.47 18.65 9.03
N PRO D 262 -11.15 18.41 9.12
CA PRO D 262 -10.47 17.94 7.92
C PRO D 262 -11.04 16.58 7.54
N VAL D 263 -11.28 16.35 6.23
CA VAL D 263 -11.69 15.06 5.72
C VAL D 263 -10.85 14.72 4.49
N ASP D 264 -10.30 13.50 4.47
CA ASP D 264 -9.55 13.01 3.32
C ASP D 264 -10.04 11.57 3.08
N VAL D 265 -9.68 11.01 1.93
CA VAL D 265 -10.12 9.68 1.53
C VAL D 265 -8.94 8.73 1.45
N GLU D 266 -9.06 7.58 2.12
CA GLU D 266 -8.03 6.55 2.07
C GLU D 266 -8.12 5.76 0.76
N ILE D 267 -7.06 5.83 -0.05
CA ILE D 267 -7.03 5.12 -1.34
C ILE D 267 -5.99 4.02 -1.42
N LYS D 268 -5.23 3.78 -0.36
CA LYS D 268 -4.14 2.76 -0.38
C LYS D 268 -4.33 1.59 0.59
N GLY D 269 -5.18 1.75 1.59
CA GLY D 269 -5.35 0.74 2.62
C GLY D 269 -6.02 -0.56 2.17
N ASP D 270 -5.67 -1.64 2.87
CA ASP D 270 -6.27 -2.95 2.71
C ASP D 270 -7.67 -2.91 3.32
N LEU D 271 -7.70 -2.74 4.63
CA LEU D 271 -8.91 -2.82 5.42
C LEU D 271 -9.72 -1.56 5.28
N THR D 272 -9.05 -0.43 4.99
CA THR D 272 -9.67 0.88 5.15
C THR D 272 -9.94 1.57 3.80
N LEU D 273 -9.90 0.82 2.72
CA LEU D 273 -10.07 1.38 1.38
C LEU D 273 -11.41 2.10 1.29
N GLY D 274 -11.37 3.33 0.79
CA GLY D 274 -12.59 4.13 0.64
C GLY D 274 -13.06 4.86 1.90
N MET D 275 -12.34 4.71 3.02
CA MET D 275 -12.72 5.42 4.24
C MET D 275 -12.59 6.93 4.09
N THR D 276 -13.64 7.65 4.49
CA THR D 276 -13.56 9.09 4.66
C THR D 276 -13.04 9.33 6.06
N VAL D 277 -11.76 9.73 6.14
CA VAL D 277 -11.05 9.92 7.40
C VAL D 277 -11.30 11.34 7.91
N ALA D 278 -12.11 11.47 8.96
CA ALA D 278 -12.48 12.77 9.52
C ALA D 278 -11.64 12.97 10.77
N ASP D 279 -10.90 14.08 10.82
CA ASP D 279 -10.06 14.40 11.97
C ASP D 279 -10.91 15.17 12.99
N LEU D 280 -11.39 14.44 13.99
CA LEU D 280 -12.22 15.02 15.04
C LEU D 280 -11.44 15.38 16.31
N ARG D 281 -10.11 15.38 16.24
CA ARG D 281 -9.27 15.78 17.38
C ARG D 281 -9.30 17.29 17.50
N GLY D 282 -9.34 17.78 18.74
CA GLY D 282 -9.34 19.23 18.99
C GLY D 282 -10.69 19.88 18.71
N PRO D 283 -10.77 21.20 18.92
CA PRO D 283 -12.04 21.90 18.75
C PRO D 283 -12.40 22.09 17.27
N GLU D 284 -13.64 22.43 17.02
CA GLU D 284 -14.10 22.68 15.66
C GLU D 284 -13.36 23.88 15.05
N PRO D 285 -12.63 23.68 13.95
CA PRO D 285 -12.00 24.83 13.30
C PRO D 285 -13.00 25.71 12.56
N SER D 286 -12.58 26.91 12.22
CA SER D 286 -13.45 27.90 11.56
C SER D 286 -13.60 27.57 10.10
N ALA D 287 -14.65 28.12 9.49
CA ALA D 287 -14.90 27.93 8.04
C ALA D 287 -13.76 28.44 7.19
N ASP D 288 -13.15 29.56 7.63
CA ASP D 288 -11.91 30.12 7.06
C ASP D 288 -10.79 29.08 6.93
N LYS D 289 -10.60 28.30 8.00
CA LYS D 289 -9.49 27.34 8.09
C LYS D 289 -9.80 25.93 7.56
N CYS D 290 -11.07 25.61 7.42
CA CYS D 290 -11.48 24.24 7.13
C CYS D 290 -12.66 24.20 6.18
N HIS D 291 -12.38 23.80 4.94
CA HIS D 291 -13.36 23.83 3.84
C HIS D 291 -14.38 22.67 3.87
N THR D 292 -14.12 21.65 4.71
CA THR D 292 -14.95 20.44 4.78
C THR D 292 -15.67 20.32 6.12
N GLN D 293 -16.86 19.74 6.08
CA GLN D 293 -17.66 19.46 7.28
C GLN D 293 -18.47 18.19 7.09
N VAL D 294 -18.72 17.49 8.18
CA VAL D 294 -19.47 16.26 8.17
C VAL D 294 -20.84 16.49 8.76
N ALA D 295 -21.84 15.83 8.21
CA ALA D 295 -23.19 15.87 8.75
C ALA D 295 -23.28 14.96 9.98
N THR D 296 -23.91 15.46 11.04
CA THR D 296 -23.94 14.79 12.35
C THR D 296 -25.35 14.36 12.77
N LYS D 297 -26.20 15.34 13.05
CA LYS D 297 -27.53 15.12 13.65
C LYS D 297 -28.65 15.55 12.70
N LEU D 298 -29.60 14.64 12.48
CA LEU D 298 -30.78 14.89 11.68
C LEU D 298 -31.94 15.34 12.59
N ASP D 299 -32.69 16.33 12.14
CA ASP D 299 -34.00 16.64 12.72
C ASP D 299 -35.03 15.77 12.03
N PHE D 300 -35.30 14.62 12.63
CA PHE D 300 -36.18 13.58 12.05
C PHE D 300 -37.52 14.16 11.64
N ASN D 301 -38.16 14.85 12.58
CA ASN D 301 -39.47 15.46 12.37
C ASN D 301 -39.53 16.46 11.20
N LYS D 302 -38.57 17.37 11.14
CA LYS D 302 -38.51 18.35 10.06
C LYS D 302 -38.13 17.71 8.73
N PHE D 303 -37.23 16.74 8.76
CA PHE D 303 -36.80 16.04 7.54
C PHE D 303 -38.02 15.43 6.85
N TRP D 304 -38.81 14.65 7.60
CA TRP D 304 -39.95 13.98 6.99
C TRP D 304 -41.04 14.95 6.54
N ASP D 305 -41.18 16.06 7.26
CA ASP D 305 -42.09 17.14 6.84
C ASP D 305 -41.71 17.73 5.48
N LEU D 306 -40.41 17.89 5.23
CA LEU D 306 -39.92 18.37 3.92
C LEU D 306 -40.31 17.41 2.81
N ILE D 307 -40.12 16.12 3.04
CA ILE D 307 -40.47 15.09 2.05
C ILE D 307 -41.98 15.12 1.76
N ILE D 308 -42.77 15.11 2.85
CA ILE D 308 -44.21 15.07 2.72
C ILE D 308 -44.72 16.33 2.02
N ASP D 309 -44.19 17.49 2.40
CA ASP D 309 -44.61 18.75 1.75
C ASP D 309 -44.25 18.81 0.27
N ALA D 310 -43.06 18.33 -0.08
CA ALA D 310 -42.65 18.24 -1.49
C ALA D 310 -43.60 17.34 -2.29
N LEU D 311 -43.95 16.18 -1.72
CA LEU D 311 -44.88 15.27 -2.41
C LEU D 311 -46.26 15.89 -2.60
N LYS D 312 -46.74 16.61 -1.58
CA LYS D 312 -48.01 17.33 -1.70
C LYS D 312 -47.94 18.42 -2.77
N GLU D 313 -46.85 19.19 -2.80
CA GLU D 313 -46.68 20.28 -3.77
C GLU D 313 -46.66 19.79 -5.21
N LEU D 314 -46.11 18.61 -5.44
CA LEU D 314 -46.05 18.05 -6.80
C LEU D 314 -47.40 17.60 -7.36
N LYS D 315 -48.38 17.35 -6.48
CA LYS D 315 -49.75 16.97 -6.87
C LYS D 315 -49.77 15.72 -7.74
CA CA E . 2.83 2.59 28.06
CL CL F . -11.03 8.11 50.15
CL CL G . -21.85 -11.00 27.86
CA CA H . 15.52 -23.76 -0.37
CL CL I . 33.52 -11.71 22.28
CL CL J . 34.76 -35.67 -13.92
CL CL K . 35.92 -5.36 -6.41
CA CA L . 8.38 14.60 -23.28
CL CL M . 4.37 10.72 -8.04
CL CL N . 29.75 16.30 -21.24
CA CA O . -27.36 7.21 -5.25
CL CL P . -39.20 -5.63 7.53
CL CL Q . -21.13 27.93 12.56
#